data_2E1V
#
_entry.id   2E1V
#
_cell.length_a   52.777
_cell.length_b   122.908
_cell.length_c   70.332
_cell.angle_alpha   90.00
_cell.angle_beta   94.38
_cell.angle_gamma   90.00
#
_symmetry.space_group_name_H-M   'P 1 21 1'
#
loop_
_entity.id
_entity.type
_entity.pdbx_description
1 polymer 'acyl transferase'
2 water water
#
_entity_poly.entity_id   1
_entity_poly.type   'polypeptide(L)'
_entity_poly.pdbx_seq_one_letter_code
;(MSE)ASLPILTVLEQSQVSPPPDTLGDKSLQLTFFDFFWLRSPPINNLFFYELPITRSQFTETVVPNIKHSLSITLKHF
YPFVGKLVVYPAPTKKPEICYVEGDSVAVTFAECNLDLNELTGNHPRNCDKFYDLVPILGESTRLSDCIKIPLFSVQVTL
FPNQGIAIGITNHHCLGDASTRFCFLKAWTSIARSGNNDESFLANGTRPLYDRIIKYP(MSE)LDEAYLKRAKVESFNED
YVTQSLAGPSDKLRATFILTRAVINQLKDRVLAQLPTLEYVSSFTVACAYIWSCIAKSRNDKLQLFGFPIDRRAR(MSE)
KPPIPTAYFGNCVGGCAAIAKTNLLIGKEGFITAAKLIGENLHKTLTDYKDGVLKDD(MSE)ESFNDLVSEG(MSE)PTT
(MSE)TWVSGTPKLRFYD(MSE)DFGWGKPKKLETVSIDHNGAISINSCKESNEDLEIGVCISATQ(MSE)EDFVHIFDD
GLKAYL
;
_entity_poly.pdbx_strand_id   A,B
#
# COMPACT_ATOMS: atom_id res chain seq x y z
N ILE A 6 16.97 -30.70 14.03
CA ILE A 6 16.89 -30.51 12.55
C ILE A 6 18.08 -29.71 11.98
N LEU A 7 18.63 -28.79 12.78
CA LEU A 7 19.84 -28.07 12.39
C LEU A 7 20.89 -28.06 13.51
N THR A 8 22.13 -28.40 13.14
CA THR A 8 23.27 -28.38 14.04
C THR A 8 24.34 -27.42 13.51
N VAL A 9 24.76 -26.49 14.36
CA VAL A 9 25.85 -25.59 14.00
C VAL A 9 27.20 -26.26 14.28
N LEU A 10 27.95 -26.48 13.19
CA LEU A 10 29.27 -27.12 13.26
C LEU A 10 30.38 -26.14 13.58
N GLU A 11 30.35 -24.95 12.96
CA GLU A 11 31.36 -23.94 13.20
C GLU A 11 30.81 -22.55 12.95
N GLN A 12 31.10 -21.63 13.86
CA GLN A 12 30.85 -20.21 13.64
C GLN A 12 32.17 -19.52 13.38
N SER A 13 32.42 -19.18 12.12
CA SER A 13 33.71 -18.64 11.76
C SER A 13 33.61 -17.19 11.31
N GLN A 14 34.78 -16.53 11.26
CA GLN A 14 34.90 -15.18 10.75
C GLN A 14 35.94 -15.18 9.65
N VAL A 15 35.56 -14.69 8.47
CA VAL A 15 36.45 -14.71 7.31
C VAL A 15 36.84 -13.28 6.92
N SER A 16 38.16 -13.05 6.85
CA SER A 16 38.71 -11.75 6.47
C SER A 16 39.55 -11.88 5.20
N PRO A 17 39.85 -10.76 4.53
CA PRO A 17 40.81 -10.83 3.42
C PRO A 17 42.15 -11.36 3.96
N PRO A 18 43.01 -11.87 3.05
CA PRO A 18 44.31 -12.40 3.47
C PRO A 18 45.16 -11.32 4.14
N PRO A 19 46.11 -11.71 5.01
CA PRO A 19 46.97 -10.72 5.67
C PRO A 19 47.74 -9.88 4.64
N ASP A 20 47.95 -8.60 4.96
CA ASP A 20 48.70 -7.66 4.11
C ASP A 20 48.17 -7.55 2.68
N THR A 21 46.85 -7.41 2.53
CA THR A 21 46.24 -7.24 1.21
C THR A 21 45.35 -6.00 1.11
N LEU A 22 44.64 -5.70 2.19
CA LEU A 22 43.73 -4.56 2.23
C LEU A 22 43.97 -3.68 3.45
N GLY A 23 44.09 -2.38 3.20
CA GLY A 23 44.09 -1.40 4.29
C GLY A 23 42.69 -0.90 4.51
N ASP A 24 42.53 0.05 5.44
CA ASP A 24 41.25 0.73 5.66
C ASP A 24 40.75 1.34 4.35
N LYS A 25 39.47 1.16 4.05
CA LYS A 25 38.86 1.66 2.82
C LYS A 25 37.41 2.05 3.05
N SER A 26 37.00 3.13 2.41
CA SER A 26 35.61 3.58 2.46
C SER A 26 35.03 3.57 1.06
N LEU A 27 33.70 3.50 0.99
CA LEU A 27 32.99 3.69 -0.26
C LEU A 27 31.87 4.68 -0.01
N GLN A 28 31.87 5.76 -0.78
CA GLN A 28 30.81 6.75 -0.64
C GLN A 28 29.56 6.27 -1.38
N LEU A 29 28.40 6.68 -0.87
CA LEU A 29 27.12 6.19 -1.36
C LEU A 29 26.35 7.29 -2.12
N THR A 30 25.36 6.86 -2.91
CA THR A 30 24.50 7.76 -3.68
C THR A 30 23.06 7.63 -3.21
N PHE A 31 22.20 8.52 -3.70
CA PHE A 31 20.76 8.44 -3.46
C PHE A 31 20.17 7.05 -3.80
N PHE A 32 20.73 6.38 -4.80
CA PHE A 32 20.28 5.03 -5.17
C PHE A 32 20.48 4.08 -3.99
N ASP A 33 21.59 4.27 -3.27
CA ASP A 33 21.90 3.46 -2.08
C ASP A 33 21.13 3.94 -0.86
N PHE A 34 21.01 5.26 -0.69
CA PHE A 34 20.32 5.82 0.48
C PHE A 34 18.85 5.43 0.53
N PHE A 35 18.25 5.19 -0.64
CA PHE A 35 16.87 4.72 -0.77
C PHE A 35 16.62 3.51 0.14
N TRP A 36 17.64 2.66 0.28
CA TRP A 36 17.51 1.37 0.99
C TRP A 36 17.95 1.39 2.46
N LEU A 37 18.17 2.58 3.00
CA LEU A 37 18.66 2.74 4.37
C LEU A 37 17.92 1.92 5.42
N ARG A 38 16.59 1.92 5.34
CA ARG A 38 15.74 1.25 6.35
C ARG A 38 15.14 -0.08 5.87
N SER A 39 15.74 -0.68 4.86
CA SER A 39 15.20 -1.91 4.27
C SER A 39 15.53 -3.14 5.14
N PRO A 40 14.68 -4.19 5.08
CA PRO A 40 15.01 -5.46 5.75
C PRO A 40 16.09 -6.22 4.98
N PRO A 41 16.76 -7.19 5.63
CA PRO A 41 17.79 -7.97 4.92
C PRO A 41 17.23 -8.73 3.72
N ILE A 42 18.11 -8.98 2.75
CA ILE A 42 17.81 -9.85 1.63
C ILE A 42 18.38 -11.23 1.94
N ASN A 43 17.59 -12.29 1.75
CA ASN A 43 18.02 -13.67 2.02
C ASN A 43 17.85 -14.54 0.80
N ASN A 44 18.95 -15.13 0.34
CA ASN A 44 18.93 -16.03 -0.79
C ASN A 44 19.57 -17.36 -0.48
N LEU A 45 19.02 -18.41 -1.08
CA LEU A 45 19.56 -19.75 -0.97
C LEU A 45 19.93 -20.35 -2.34
N PHE A 46 21.06 -21.05 -2.34
CA PHE A 46 21.50 -21.84 -3.48
C PHE A 46 21.63 -23.27 -2.98
N PHE A 47 20.86 -24.18 -3.56
CA PHE A 47 20.90 -25.59 -3.19
C PHE A 47 21.67 -26.38 -4.24
N TYR A 48 22.57 -27.24 -3.77
CA TYR A 48 23.38 -28.08 -4.64
C TYR A 48 23.23 -29.54 -4.25
N GLU A 49 23.09 -30.40 -5.26
CA GLU A 49 23.06 -31.85 -5.08
C GLU A 49 24.46 -32.44 -5.29
N LEU A 50 24.92 -33.20 -4.30
CA LEU A 50 26.19 -33.93 -4.38
C LEU A 50 26.28 -34.92 -3.21
N PRO A 51 26.87 -36.11 -3.46
CA PRO A 51 26.91 -37.17 -2.43
C PRO A 51 28.00 -36.92 -1.39
N ILE A 52 27.90 -35.81 -0.68
CA ILE A 52 28.95 -35.31 0.22
C ILE A 52 28.79 -35.84 1.66
N THR A 53 29.87 -36.43 2.19
CA THR A 53 29.88 -36.96 3.55
C THR A 53 30.24 -35.88 4.56
N ARG A 54 29.92 -36.11 5.83
CA ARG A 54 30.34 -35.22 6.90
C ARG A 54 31.85 -35.00 6.92
N SER A 55 32.61 -36.09 6.79
CA SER A 55 34.06 -36.01 6.84
C SER A 55 34.62 -35.18 5.68
N GLN A 56 34.09 -35.38 4.48
CA GLN A 56 34.57 -34.63 3.32
C GLN A 56 34.20 -33.15 3.44
N PHE A 57 33.00 -32.87 3.94
CA PHE A 57 32.53 -31.49 4.17
C PHE A 57 33.53 -30.73 5.06
N THR A 58 33.91 -31.35 6.17
CA THR A 58 34.90 -30.80 7.10
C THR A 58 36.28 -30.69 6.46
N GLU A 59 36.67 -31.72 5.72
CA GLU A 59 38.04 -31.80 5.21
C GLU A 59 38.35 -30.83 4.09
N THR A 60 37.43 -30.65 3.16
CA THR A 60 37.68 -29.77 2.00
C THR A 60 36.71 -28.60 1.86
N VAL A 61 35.41 -28.86 2.03
CA VAL A 61 34.40 -27.81 1.77
C VAL A 61 34.60 -26.60 2.70
N VAL A 62 34.64 -26.87 4.01
CA VAL A 62 34.86 -25.81 5.01
C VAL A 62 36.12 -24.97 4.71
N PRO A 63 37.30 -25.61 4.58
CA PRO A 63 38.48 -24.79 4.25
C PRO A 63 38.36 -24.07 2.89
N ASN A 64 37.76 -24.73 1.90
CA ASN A 64 37.64 -24.15 0.55
C ASN A 64 36.71 -22.92 0.55
N ILE A 65 35.61 -23.00 1.29
CA ILE A 65 34.71 -21.84 1.44
C ILE A 65 35.46 -20.67 2.06
N LYS A 66 36.14 -20.93 3.18
CA LYS A 66 36.90 -19.88 3.88
C LYS A 66 37.96 -19.25 2.99
N HIS A 67 38.79 -20.10 2.39
CA HIS A 67 39.93 -19.67 1.56
C HIS A 67 39.45 -18.86 0.35
N SER A 68 38.48 -19.41 -0.37
CA SER A 68 38.00 -18.78 -1.61
C SER A 68 37.28 -17.46 -1.30
N LEU A 69 36.52 -17.44 -0.21
CA LEU A 69 35.85 -16.19 0.18
C LEU A 69 36.89 -15.14 0.59
N SER A 70 37.86 -15.56 1.40
CA SER A 70 38.93 -14.68 1.85
C SER A 70 39.57 -13.96 0.64
N ILE A 71 39.96 -14.74 -0.36
CA ILE A 71 40.62 -14.21 -1.56
C ILE A 71 39.68 -13.28 -2.33
N THR A 72 38.41 -13.65 -2.46
CA THR A 72 37.39 -12.80 -3.10
C THR A 72 37.24 -11.44 -2.40
N LEU A 73 37.27 -11.45 -1.07
CA LEU A 73 37.09 -10.23 -0.28
C LEU A 73 38.16 -9.15 -0.54
N LYS A 74 39.36 -9.56 -0.90
CA LYS A 74 40.40 -8.57 -1.19
C LYS A 74 40.08 -7.75 -2.44
N HIS A 75 39.20 -8.27 -3.30
CA HIS A 75 38.76 -7.58 -4.52
C HIS A 75 37.42 -6.88 -4.34
N PHE A 76 36.68 -7.30 -3.30
CA PHE A 76 35.33 -6.80 -3.04
C PHE A 76 35.22 -6.28 -1.61
N TYR A 77 36.01 -5.25 -1.30
CA TYR A 77 36.11 -4.74 0.08
C TYR A 77 34.78 -4.36 0.78
N PRO A 78 33.81 -3.79 0.06
CA PRO A 78 32.57 -3.43 0.76
C PRO A 78 31.81 -4.65 1.33
N PHE A 79 31.98 -5.82 0.73
CA PHE A 79 31.34 -7.04 1.25
C PHE A 79 31.79 -7.40 2.66
N VAL A 80 33.00 -6.98 3.03
CA VAL A 80 33.54 -7.23 4.38
C VAL A 80 33.48 -5.95 5.23
N GLY A 81 32.86 -4.91 4.68
CA GLY A 81 32.72 -3.65 5.38
C GLY A 81 31.40 -3.52 6.11
N LYS A 82 31.17 -2.37 6.72
CA LYS A 82 29.89 -2.11 7.41
C LYS A 82 29.24 -0.82 6.92
N LEU A 83 27.90 -0.80 6.95
CA LEU A 83 27.19 0.46 6.70
C LEU A 83 27.32 1.34 7.93
N VAL A 84 27.81 2.56 7.74
CA VAL A 84 28.01 3.46 8.87
C VAL A 84 27.05 4.63 8.75
N VAL A 85 26.21 4.82 9.76
CA VAL A 85 25.24 5.92 9.78
C VAL A 85 25.55 6.86 10.94
N TYR A 86 25.69 8.14 10.62
CA TYR A 86 25.99 9.17 11.62
C TYR A 86 24.74 9.98 11.99
N PRO A 87 24.63 10.43 13.26
CA PRO A 87 23.43 11.14 13.71
C PRO A 87 23.29 12.56 13.16
N ALA A 88 24.39 13.15 12.75
CA ALA A 88 24.41 14.49 12.17
C ALA A 88 23.84 14.49 10.75
N PRO A 89 22.85 15.37 10.47
CA PRO A 89 22.20 15.46 9.15
C PRO A 89 23.16 15.89 8.03
N THR A 90 24.39 16.19 8.41
CA THR A 90 25.43 16.60 7.46
C THR A 90 26.23 15.41 6.93
N LYS A 91 26.83 14.65 7.85
CA LYS A 91 27.70 13.52 7.50
C LYS A 91 26.88 12.35 6.93
N LYS A 92 27.07 12.08 5.64
CA LYS A 92 26.32 11.07 4.93
C LYS A 92 26.74 9.65 5.33
N PRO A 93 25.79 8.70 5.34
CA PRO A 93 26.18 7.31 5.54
C PRO A 93 27.16 6.85 4.46
N GLU A 94 28.03 5.91 4.84
CA GLU A 94 29.05 5.40 3.95
C GLU A 94 29.30 3.94 4.30
N ILE A 95 29.99 3.25 3.41
CA ILE A 95 30.47 1.91 3.74
C ILE A 95 31.94 2.01 4.16
N CYS A 96 32.25 1.52 5.36
CA CYS A 96 33.62 1.49 5.84
C CYS A 96 34.13 0.07 6.07
N TYR A 97 35.30 -0.22 5.52
CA TYR A 97 36.08 -1.39 5.89
C TYR A 97 37.28 -0.95 6.70
N VAL A 98 37.50 -1.59 7.84
CA VAL A 98 38.66 -1.32 8.70
C VAL A 98 39.41 -2.64 8.90
N GLU A 99 40.73 -2.59 8.91
CA GLU A 99 41.53 -3.80 9.13
C GLU A 99 41.05 -4.48 10.41
N GLY A 100 40.82 -5.79 10.34
CA GLY A 100 40.21 -6.54 11.42
C GLY A 100 38.77 -6.97 11.15
N ASP A 101 38.08 -6.24 10.27
CA ASP A 101 36.70 -6.56 9.91
C ASP A 101 36.63 -7.93 9.23
N SER A 102 35.53 -8.63 9.45
CA SER A 102 35.36 -9.97 8.92
C SER A 102 33.90 -10.25 8.53
N VAL A 103 33.73 -11.27 7.72
CA VAL A 103 32.41 -11.77 7.35
C VAL A 103 32.10 -12.97 8.23
N ALA A 104 30.91 -12.97 8.83
CA ALA A 104 30.39 -14.10 9.59
C ALA A 104 30.02 -15.23 8.64
N VAL A 105 30.68 -16.38 8.80
CA VAL A 105 30.37 -17.55 8.00
C VAL A 105 30.05 -18.72 8.92
N THR A 106 28.81 -19.16 8.85
CA THR A 106 28.30 -20.26 9.67
C THR A 106 28.32 -21.54 8.87
N PHE A 107 28.88 -22.59 9.47
CA PHE A 107 28.80 -23.92 8.87
C PHE A 107 27.88 -24.77 9.71
N ALA A 108 26.94 -25.44 9.06
CA ALA A 108 25.91 -26.17 9.77
C ALA A 108 25.61 -27.50 9.09
N GLU A 109 24.82 -28.32 9.79
CA GLU A 109 24.36 -29.57 9.27
C GLU A 109 22.85 -29.62 9.44
N CYS A 110 22.15 -30.04 8.40
CA CYS A 110 20.68 -30.15 8.44
C CYS A 110 20.25 -31.58 8.16
N ASN A 111 19.39 -32.10 9.02
CA ASN A 111 18.95 -33.48 8.91
C ASN A 111 17.61 -33.69 8.20
N LEU A 112 17.02 -32.59 7.70
CA LEU A 112 15.90 -32.67 6.76
C LEU A 112 16.33 -33.30 5.45
N ASP A 113 15.41 -34.01 4.80
CA ASP A 113 15.67 -34.57 3.47
C ASP A 113 15.79 -33.42 2.48
N LEU A 114 16.92 -33.36 1.79
CA LEU A 114 17.17 -32.28 0.82
C LEU A 114 16.13 -32.28 -0.31
N ASN A 115 15.67 -33.47 -0.68
CA ASN A 115 14.64 -33.64 -1.69
C ASN A 115 13.29 -33.04 -1.27
N GLU A 116 13.10 -32.82 0.02
CA GLU A 116 11.88 -32.20 0.56
C GLU A 116 11.96 -30.66 0.53
N LEU A 117 13.08 -30.13 0.06
CA LEU A 117 13.31 -28.68 0.00
C LEU A 117 13.54 -28.13 -1.40
N THR A 118 14.08 -28.96 -2.29
CA THR A 118 14.56 -28.48 -3.58
C THR A 118 13.53 -28.59 -4.71
N GLY A 119 12.36 -29.15 -4.39
CA GLY A 119 11.27 -29.27 -5.38
C GLY A 119 10.54 -27.96 -5.60
N ASN A 120 9.50 -27.99 -6.44
CA ASN A 120 8.74 -26.78 -6.77
C ASN A 120 7.36 -26.71 -6.14
N HIS A 121 6.92 -27.82 -5.56
CA HIS A 121 5.59 -27.89 -4.96
C HIS A 121 5.58 -27.26 -3.57
N PRO A 122 4.39 -26.92 -3.04
CA PRO A 122 4.34 -26.27 -1.73
C PRO A 122 5.12 -26.97 -0.60
N ARG A 123 6.02 -26.21 0.02
CA ARG A 123 6.82 -26.65 1.17
C ARG A 123 6.71 -25.55 2.22
N ASN A 124 6.69 -25.89 3.50
CA ASN A 124 6.61 -24.88 4.55
C ASN A 124 7.68 -23.81 4.43
N CYS A 125 7.26 -22.55 4.38
CA CYS A 125 8.20 -21.45 4.30
C CYS A 125 9.20 -21.50 5.46
N ASP A 126 8.75 -21.86 6.66
CA ASP A 126 9.62 -21.76 7.82
C ASP A 126 10.74 -22.81 7.87
N LYS A 127 10.67 -23.81 7.00
CA LYS A 127 11.73 -24.82 6.92
C LYS A 127 13.04 -24.25 6.36
N PHE A 128 12.96 -23.08 5.72
CA PHE A 128 14.11 -22.45 5.07
C PHE A 128 14.83 -21.43 5.97
N TYR A 129 14.20 -21.03 7.07
CA TYR A 129 14.75 -19.94 7.88
C TYR A 129 16.09 -20.26 8.55
N ASP A 130 16.26 -21.49 9.02
CA ASP A 130 17.50 -21.85 9.69
C ASP A 130 18.64 -22.18 8.71
N LEU A 131 18.37 -21.99 7.41
CA LEU A 131 19.39 -22.16 6.35
C LEU A 131 19.98 -20.82 5.90
N VAL A 132 19.37 -19.71 6.34
CA VAL A 132 19.89 -18.39 5.97
C VAL A 132 20.44 -17.68 7.21
N PRO A 133 21.62 -17.05 7.07
CA PRO A 133 22.27 -16.47 8.24
C PRO A 133 21.60 -15.16 8.62
N ILE A 134 21.63 -14.82 9.91
CA ILE A 134 21.22 -13.46 10.29
C ILE A 134 22.22 -12.48 9.71
N LEU A 135 21.75 -11.25 9.44
CA LEU A 135 22.65 -10.24 8.90
C LEU A 135 23.79 -9.97 9.87
N GLY A 136 23.47 -9.93 11.16
CA GLY A 136 24.47 -9.74 12.22
C GLY A 136 24.18 -8.50 13.05
N GLU A 137 24.61 -8.55 14.31
CA GLU A 137 24.37 -7.46 15.27
C GLU A 137 25.13 -6.20 14.86
N SER A 138 24.48 -5.05 15.03
CA SER A 138 25.10 -3.77 14.78
C SER A 138 26.10 -3.42 15.89
N THR A 139 27.04 -2.55 15.55
CA THR A 139 27.99 -2.01 16.52
C THR A 139 27.60 -0.56 16.78
N ARG A 140 27.29 -0.23 18.02
CA ARG A 140 26.92 1.13 18.37
C ARG A 140 28.08 1.82 19.06
N LEU A 141 28.56 2.90 18.44
CA LEU A 141 29.69 3.66 18.94
C LEU A 141 29.20 5.04 19.38
N SER A 142 30.11 5.85 19.93
CA SER A 142 29.77 7.20 20.38
C SER A 142 29.26 8.10 19.25
N ASP A 143 29.88 7.97 18.07
CA ASP A 143 29.57 8.87 16.95
C ASP A 143 28.77 8.26 15.79
N CYS A 144 28.45 6.96 15.87
CA CYS A 144 27.78 6.26 14.78
C CYS A 144 27.22 4.89 15.17
N ILE A 145 26.42 4.30 14.27
CA ILE A 145 26.06 2.88 14.31
C ILE A 145 26.66 2.19 13.08
N LYS A 146 27.15 0.96 13.25
CA LYS A 146 27.73 0.19 12.15
C LYS A 146 26.95 -1.09 11.95
N ILE A 147 26.53 -1.36 10.71
CA ILE A 147 25.69 -2.52 10.42
C ILE A 147 26.39 -3.45 9.42
N PRO A 148 26.46 -4.77 9.72
CA PRO A 148 27.07 -5.70 8.76
C PRO A 148 26.31 -5.69 7.44
N LEU A 149 27.04 -5.90 6.35
CA LEU A 149 26.47 -5.84 5.01
C LEU A 149 26.20 -7.20 4.34
N PHE A 150 26.88 -8.25 4.82
CA PHE A 150 26.95 -9.53 4.10
C PHE A 150 27.33 -10.64 5.09
N SER A 151 26.58 -11.74 5.05
CA SER A 151 26.85 -12.91 5.87
C SER A 151 26.48 -14.19 5.09
N VAL A 152 27.03 -15.32 5.54
CA VAL A 152 26.97 -16.56 4.78
C VAL A 152 26.68 -17.72 5.74
N GLN A 153 25.83 -18.65 5.29
CA GLN A 153 25.71 -19.96 5.93
C GLN A 153 25.90 -21.08 4.91
N VAL A 154 26.76 -22.03 5.22
CA VAL A 154 26.97 -23.19 4.38
C VAL A 154 26.45 -24.40 5.15
N THR A 155 25.40 -25.04 4.64
CA THR A 155 24.74 -26.14 5.34
C THR A 155 24.89 -27.48 4.63
N LEU A 156 25.47 -28.44 5.35
CA LEU A 156 25.57 -29.81 4.86
C LEU A 156 24.26 -30.58 5.07
N PHE A 157 23.82 -31.25 4.02
CA PHE A 157 22.77 -32.26 4.07
C PHE A 157 23.49 -33.58 3.81
N PRO A 158 23.86 -34.29 4.88
CA PRO A 158 24.77 -35.43 4.74
C PRO A 158 24.34 -36.42 3.65
N ASN A 159 25.30 -36.71 2.77
CA ASN A 159 25.12 -37.62 1.64
C ASN A 159 24.11 -37.16 0.59
N GLN A 160 23.72 -35.88 0.65
CA GLN A 160 22.73 -35.36 -0.28
C GLN A 160 23.17 -34.08 -0.99
N GLY A 161 23.76 -33.15 -0.25
CA GLY A 161 24.21 -31.90 -0.86
C GLY A 161 24.52 -30.79 0.12
N ILE A 162 24.51 -29.56 -0.40
CA ILE A 162 24.95 -28.38 0.32
C ILE A 162 24.02 -27.22 -0.04
N ALA A 163 23.61 -26.45 0.95
CA ALA A 163 22.92 -25.19 0.67
C ALA A 163 23.81 -24.05 1.10
N ILE A 164 23.91 -23.04 0.24
CA ILE A 164 24.63 -21.82 0.58
C ILE A 164 23.58 -20.73 0.75
N GLY A 165 23.52 -20.18 1.96
CA GLY A 165 22.59 -19.09 2.28
C GLY A 165 23.36 -17.80 2.35
N ILE A 166 22.89 -16.79 1.62
CA ILE A 166 23.59 -15.49 1.58
C ILE A 166 22.60 -14.43 2.01
N THR A 167 22.97 -13.67 3.04
CA THR A 167 22.16 -12.58 3.55
C THR A 167 22.92 -11.27 3.33
N ASN A 168 22.23 -10.25 2.83
CA ASN A 168 22.87 -8.96 2.64
C ASN A 168 21.95 -7.80 2.89
N HIS A 169 22.57 -6.66 3.19
CA HIS A 169 21.86 -5.39 3.28
C HIS A 169 21.78 -4.80 1.87
N HIS A 170 20.61 -4.31 1.50
CA HIS A 170 20.41 -3.73 0.16
C HIS A 170 21.33 -2.53 -0.11
N CYS A 171 21.80 -1.85 0.94
CA CYS A 171 22.72 -0.70 0.76
C CYS A 171 24.08 -1.13 0.18
N LEU A 172 24.44 -2.40 0.36
CA LEU A 172 25.69 -2.92 -0.20
C LEU A 172 25.71 -2.78 -1.73
N GLY A 173 24.55 -3.04 -2.34
CA GLY A 173 24.42 -2.98 -3.78
C GLY A 173 23.22 -3.75 -4.27
N ASP A 174 22.99 -3.69 -5.57
CA ASP A 174 21.81 -4.32 -6.16
C ASP A 174 22.12 -5.71 -6.64
N ALA A 175 21.16 -6.32 -7.34
CA ALA A 175 21.35 -7.68 -7.83
C ALA A 175 22.57 -7.79 -8.76
N SER A 176 22.80 -6.77 -9.60
CA SER A 176 23.98 -6.76 -10.47
C SER A 176 25.29 -6.81 -9.68
N THR A 177 25.37 -6.04 -8.60
CA THR A 177 26.52 -6.04 -7.72
C THR A 177 26.75 -7.42 -7.08
N ARG A 178 25.66 -8.03 -6.60
CA ARG A 178 25.73 -9.39 -6.03
C ARG A 178 26.18 -10.41 -7.08
N PHE A 179 25.66 -10.28 -8.30
CA PHE A 179 26.05 -11.17 -9.40
C PHE A 179 27.54 -11.07 -9.71
N CYS A 180 28.04 -9.84 -9.81
CA CYS A 180 29.47 -9.57 -10.03
C CYS A 180 30.35 -10.26 -8.97
N PHE A 181 29.98 -10.08 -7.70
CA PHE A 181 30.66 -10.70 -6.57
C PHE A 181 30.65 -12.22 -6.66
N LEU A 182 29.47 -12.78 -6.91
CA LEU A 182 29.32 -14.24 -6.95
C LEU A 182 30.07 -14.87 -8.13
N LYS A 183 30.11 -14.17 -9.25
CA LYS A 183 30.92 -14.62 -10.41
C LYS A 183 32.38 -14.74 -10.02
N ALA A 184 32.87 -13.75 -9.28
CA ALA A 184 34.26 -13.76 -8.80
C ALA A 184 34.51 -14.88 -7.80
N TRP A 185 33.64 -14.96 -6.78
CA TRP A 185 33.83 -15.94 -5.74
C TRP A 185 33.84 -17.37 -6.29
N THR A 186 32.88 -17.67 -7.15
CA THR A 186 32.77 -19.00 -7.74
C THR A 186 33.98 -19.33 -8.61
N SER A 187 34.45 -18.37 -9.40
CA SER A 187 35.68 -18.53 -10.20
C SER A 187 36.85 -18.89 -9.31
N ILE A 188 37.00 -18.13 -8.22
CA ILE A 188 38.12 -18.30 -7.30
C ILE A 188 38.05 -19.67 -6.62
N ALA A 189 36.84 -20.07 -6.22
CA ALA A 189 36.60 -21.40 -5.63
C ALA A 189 36.86 -22.55 -6.62
N ARG A 190 36.31 -22.43 -7.83
CA ARG A 190 36.42 -23.46 -8.87
C ARG A 190 37.84 -23.75 -9.27
N SER A 191 38.66 -22.70 -9.29
CA SER A 191 40.04 -22.80 -9.76
C SER A 191 41.02 -23.11 -8.62
N GLY A 192 40.48 -23.65 -7.53
CA GLY A 192 41.27 -24.11 -6.39
C GLY A 192 41.78 -23.00 -5.50
N ASN A 193 40.89 -22.06 -5.14
CA ASN A 193 41.23 -20.93 -4.28
C ASN A 193 42.37 -20.09 -4.87
N ASN A 194 42.09 -19.57 -6.05
CA ASN A 194 43.09 -18.90 -6.87
C ASN A 194 42.40 -17.81 -7.70
N ASP A 195 42.89 -16.58 -7.60
CA ASP A 195 42.29 -15.44 -8.32
C ASP A 195 42.98 -15.09 -9.65
N GLU A 196 43.93 -15.93 -10.05
CA GLU A 196 44.65 -15.77 -11.32
C GLU A 196 43.68 -15.66 -12.51
N SER A 197 42.72 -16.58 -12.57
CA SER A 197 41.72 -16.60 -13.64
C SER A 197 40.78 -15.38 -13.58
N PHE A 198 40.34 -15.03 -12.37
CA PHE A 198 39.48 -13.86 -12.17
C PHE A 198 40.17 -12.58 -12.64
N LEU A 199 41.42 -12.40 -12.24
CA LEU A 199 42.18 -11.19 -12.55
C LEU A 199 42.46 -11.05 -14.05
N ALA A 200 42.64 -12.18 -14.73
CA ALA A 200 42.93 -12.20 -16.16
C ALA A 200 41.67 -12.06 -17.02
N ASN A 201 40.59 -12.74 -16.62
CA ASN A 201 39.41 -12.94 -17.46
C ASN A 201 38.10 -12.39 -16.88
N GLY A 202 38.07 -12.17 -15.57
CA GLY A 202 36.82 -11.80 -14.88
C GLY A 202 36.49 -10.32 -14.92
N THR A 203 35.26 -9.99 -14.53
CA THR A 203 34.81 -8.61 -14.47
C THR A 203 35.06 -8.02 -13.09
N ARG A 204 35.97 -7.06 -13.02
CA ARG A 204 36.35 -6.43 -11.76
C ARG A 204 35.35 -5.33 -11.42
N PRO A 205 35.05 -5.15 -10.12
CA PRO A 205 34.10 -4.10 -9.72
C PRO A 205 34.69 -2.71 -9.96
N LEU A 206 33.83 -1.78 -10.34
CA LEU A 206 34.25 -0.39 -10.55
C LEU A 206 33.75 0.48 -9.40
N TYR A 207 34.69 0.92 -8.56
CA TYR A 207 34.36 1.69 -7.37
C TYR A 207 34.33 3.19 -7.60
N ASP A 208 34.67 3.63 -8.82
CA ASP A 208 34.63 5.05 -9.15
C ASP A 208 33.23 5.61 -8.90
N ARG A 209 33.17 6.75 -8.23
CA ARG A 209 31.89 7.35 -7.88
C ARG A 209 31.40 8.23 -9.04
N ILE A 210 30.84 7.56 -10.05
CA ILE A 210 30.45 8.19 -11.31
C ILE A 210 28.99 8.71 -11.32
N ILE A 211 28.24 8.40 -10.27
CA ILE A 211 26.90 8.96 -10.06
C ILE A 211 27.01 10.04 -9.01
N LYS A 212 27.02 11.30 -9.46
CA LYS A 212 27.17 12.45 -8.56
C LYS A 212 25.98 13.41 -8.70
N TYR A 213 25.01 13.22 -7.82
CA TYR A 213 23.85 14.11 -7.72
C TYR A 213 23.59 14.43 -6.25
N PRO A 214 24.42 15.33 -5.68
CA PRO A 214 24.35 15.61 -4.25
C PRO A 214 23.01 16.11 -3.73
N MSE A 215 22.22 16.80 -4.56
CA MSE A 215 20.93 17.31 -4.10
C MSE A 215 19.92 16.19 -3.93
O MSE A 215 19.14 16.18 -2.97
CB MSE A 215 20.43 18.45 -4.98
CG MSE A 215 21.43 19.61 -5.09
SE MSE A 215 21.94 20.32 -3.34
CE MSE A 215 23.46 19.22 -2.83
N LEU A 216 19.97 15.21 -4.83
CA LEU A 216 19.18 13.99 -4.72
C LEU A 216 19.61 13.17 -3.51
N ASP A 217 20.92 13.06 -3.29
CA ASP A 217 21.47 12.40 -2.11
C ASP A 217 20.80 12.88 -0.83
N GLU A 218 20.74 14.21 -0.66
CA GLU A 218 20.19 14.79 0.56
C GLU A 218 18.68 14.61 0.67
N ALA A 219 17.99 14.66 -0.47
CA ALA A 219 16.55 14.47 -0.51
C ALA A 219 16.16 13.05 -0.11
N TYR A 220 16.92 12.06 -0.59
CA TYR A 220 16.64 10.66 -0.30
C TYR A 220 16.92 10.27 1.15
N LEU A 221 17.94 10.90 1.75
CA LEU A 221 18.26 10.69 3.16
C LEU A 221 17.18 11.24 4.10
N LYS A 222 16.57 12.36 3.70
CA LYS A 222 15.46 12.95 4.46
C LYS A 222 14.26 12.01 4.47
N ARG A 223 13.94 11.44 3.30
CA ARG A 223 12.84 10.48 3.18
C ARG A 223 13.08 9.21 4.00
N ALA A 224 14.35 8.84 4.15
CA ALA A 224 14.74 7.66 4.91
C ALA A 224 15.03 7.98 6.38
N LYS A 225 14.69 9.22 6.78
CA LYS A 225 14.76 9.68 8.18
C LYS A 225 16.07 9.30 8.90
N VAL A 226 17.14 10.01 8.56
CA VAL A 226 18.49 9.61 9.00
C VAL A 226 18.86 10.01 10.44
N GLU A 227 18.33 11.13 10.94
CA GLU A 227 18.62 11.61 12.31
C GLU A 227 18.06 10.70 13.42
N SER A 228 17.04 9.92 13.08
CA SER A 228 16.42 8.98 14.01
C SER A 228 16.82 7.53 13.71
N PHE A 229 17.66 7.32 12.69
CA PHE A 229 18.02 5.96 12.27
C PHE A 229 18.61 5.12 13.40
N ASN A 230 19.61 5.67 14.08
CA ASN A 230 20.27 4.99 15.18
C ASN A 230 19.27 4.55 16.27
N GLU A 231 18.36 5.46 16.64
CA GLU A 231 17.29 5.20 17.61
C GLU A 231 16.30 4.15 17.10
N ASP A 232 16.03 4.17 15.79
CA ASP A 232 14.98 3.35 15.19
C ASP A 232 15.45 1.96 14.74
N TYR A 233 16.73 1.81 14.44
CA TYR A 233 17.22 0.57 13.84
C TYR A 233 17.06 -0.64 14.75
N VAL A 234 16.41 -1.68 14.21
CA VAL A 234 16.23 -2.94 14.92
C VAL A 234 16.45 -4.10 13.96
N THR A 235 16.92 -5.23 14.46
CA THR A 235 17.10 -6.42 13.62
C THR A 235 15.78 -7.00 13.12
N GLN A 236 15.81 -7.63 11.94
CA GLN A 236 14.61 -8.09 11.26
C GLN A 236 14.75 -9.51 10.68
N SER A 237 15.22 -10.42 11.53
CA SER A 237 15.44 -11.81 11.12
C SER A 237 14.12 -12.57 10.99
N LEU A 238 14.10 -13.53 10.06
CA LEU A 238 12.91 -14.37 9.86
C LEU A 238 12.93 -15.53 10.84
N ALA A 239 11.77 -15.80 11.44
CA ALA A 239 11.64 -16.91 12.40
C ALA A 239 10.25 -17.54 12.35
N GLY A 240 10.20 -18.86 12.48
CA GLY A 240 8.93 -19.56 12.57
C GLY A 240 8.38 -19.57 13.99
N PRO A 241 7.35 -20.38 14.25
CA PRO A 241 6.66 -21.22 13.26
C PRO A 241 5.67 -20.41 12.42
N SER A 242 5.28 -20.98 11.27
CA SER A 242 4.37 -20.33 10.33
C SER A 242 3.57 -21.38 9.56
N ASP A 243 2.33 -21.03 9.18
CA ASP A 243 1.51 -21.90 8.35
C ASP A 243 1.73 -21.69 6.85
N LYS A 244 2.60 -20.74 6.51
CA LYS A 244 2.77 -20.35 5.11
C LYS A 244 3.54 -21.39 4.32
N LEU A 245 3.21 -21.47 3.03
CA LEU A 245 3.82 -22.42 2.11
C LEU A 245 4.51 -21.71 0.96
N ARG A 246 5.61 -22.30 0.51
CA ARG A 246 6.43 -21.76 -0.55
C ARG A 246 6.34 -22.69 -1.75
N ALA A 247 6.04 -22.13 -2.92
CA ALA A 247 6.00 -22.89 -4.14
C ALA A 247 6.66 -22.13 -5.29
N THR A 248 7.10 -22.87 -6.29
CA THR A 248 7.73 -22.27 -7.47
C THR A 248 6.88 -22.59 -8.69
N PHE A 249 6.45 -21.55 -9.41
CA PHE A 249 5.61 -21.69 -10.59
C PHE A 249 6.41 -21.42 -11.86
N ILE A 250 6.29 -22.31 -12.82
CA ILE A 250 7.09 -22.24 -14.04
C ILE A 250 6.27 -21.71 -15.22
N LEU A 251 6.78 -20.67 -15.85
CA LEU A 251 6.28 -20.22 -17.14
C LEU A 251 7.34 -20.52 -18.20
N THR A 252 7.09 -21.54 -19.01
CA THR A 252 8.02 -21.97 -20.04
C THR A 252 8.04 -20.97 -21.20
N ARG A 253 9.13 -20.96 -21.96
CA ARG A 253 9.26 -20.12 -23.15
C ARG A 253 8.05 -20.28 -24.07
N ALA A 254 7.59 -21.53 -24.24
CA ALA A 254 6.49 -21.83 -25.15
C ALA A 254 5.18 -21.21 -24.69
N VAL A 255 4.91 -21.32 -23.38
CA VAL A 255 3.72 -20.73 -22.77
C VAL A 255 3.79 -19.20 -22.82
N ILE A 256 4.97 -18.65 -22.48
CA ILE A 256 5.19 -17.20 -22.56
C ILE A 256 4.96 -16.65 -23.96
N ASN A 257 5.45 -17.35 -24.99
CA ASN A 257 5.22 -16.91 -26.36
C ASN A 257 3.75 -16.95 -26.77
N GLN A 258 3.02 -17.96 -26.31
CA GLN A 258 1.58 -18.08 -26.57
C GLN A 258 0.81 -16.97 -25.86
N LEU A 259 1.19 -16.67 -24.62
CA LEU A 259 0.59 -15.55 -23.90
C LEU A 259 0.89 -14.22 -24.58
N LYS A 260 2.15 -14.04 -25.01
CA LYS A 260 2.59 -12.84 -25.72
C LYS A 260 1.80 -12.64 -27.02
N ASP A 261 1.60 -13.72 -27.75
CA ASP A 261 0.86 -13.69 -29.02
C ASP A 261 -0.58 -13.23 -28.81
N ARG A 262 -1.18 -13.67 -27.71
CA ARG A 262 -2.55 -13.28 -27.32
C ARG A 262 -2.62 -11.78 -27.04
N VAL A 263 -1.63 -11.24 -26.33
CA VAL A 263 -1.54 -9.80 -26.04
C VAL A 263 -1.38 -8.98 -27.32
N LEU A 264 -0.46 -9.41 -28.18
CA LEU A 264 -0.16 -8.69 -29.41
C LEU A 264 -1.34 -8.71 -30.39
N ALA A 265 -2.12 -9.80 -30.36
CA ALA A 265 -3.29 -9.96 -31.23
C ALA A 265 -4.45 -9.09 -30.78
N GLN A 266 -4.69 -9.05 -29.47
CA GLN A 266 -5.80 -8.28 -28.91
C GLN A 266 -5.46 -6.79 -28.77
N LEU A 267 -4.19 -6.48 -28.50
CA LEU A 267 -3.76 -5.11 -28.31
C LEU A 267 -2.60 -4.80 -29.26
N PRO A 268 -2.89 -4.64 -30.56
CA PRO A 268 -1.84 -4.58 -31.59
C PRO A 268 -0.97 -3.33 -31.58
N THR A 269 -1.40 -2.29 -30.86
CA THR A 269 -0.65 -1.03 -30.77
C THR A 269 -0.09 -0.78 -29.35
N LEU A 270 -0.13 -1.80 -28.49
CA LEU A 270 0.51 -1.71 -27.18
C LEU A 270 2.02 -1.55 -27.35
N GLU A 271 2.56 -0.45 -26.85
CA GLU A 271 3.95 -0.04 -27.14
C GLU A 271 5.03 -0.92 -26.52
N TYR A 272 4.70 -1.61 -25.43
CA TYR A 272 5.70 -2.42 -24.75
C TYR A 272 5.15 -3.77 -24.31
N VAL A 273 5.71 -4.83 -24.90
CA VAL A 273 5.37 -6.20 -24.56
C VAL A 273 6.66 -7.03 -24.54
N SER A 274 6.98 -7.61 -23.39
CA SER A 274 8.15 -8.47 -23.27
C SER A 274 7.80 -9.77 -22.56
N SER A 275 8.70 -10.76 -22.62
CA SER A 275 8.54 -11.99 -21.84
C SER A 275 8.29 -11.67 -20.37
N PHE A 276 9.03 -10.70 -19.85
CA PHE A 276 8.91 -10.32 -18.45
C PHE A 276 7.55 -9.69 -18.13
N THR A 277 7.11 -8.73 -18.94
CA THR A 277 5.80 -8.10 -18.68
C THR A 277 4.65 -9.10 -18.79
N VAL A 278 4.75 -10.04 -19.73
CA VAL A 278 3.72 -11.06 -19.89
C VAL A 278 3.68 -12.01 -18.68
N ALA A 279 4.86 -12.39 -18.17
CA ALA A 279 4.96 -13.21 -16.97
C ALA A 279 4.33 -12.49 -15.77
N CYS A 280 4.73 -11.23 -15.59
CA CYS A 280 4.17 -10.38 -14.55
C CYS A 280 2.67 -10.27 -14.65
N ALA A 281 2.17 -10.06 -15.87
CA ALA A 281 0.73 -9.92 -16.11
C ALA A 281 -0.02 -11.18 -15.73
N TYR A 282 0.53 -12.34 -16.11
CA TYR A 282 -0.12 -13.61 -15.77
C TYR A 282 -0.18 -13.83 -14.26
N ILE A 283 0.95 -13.65 -13.56
CA ILE A 283 0.98 -13.87 -12.11
C ILE A 283 0.09 -12.86 -11.38
N TRP A 284 0.09 -11.65 -11.91
CA TRP A 284 -0.75 -10.56 -11.48
C TRP A 284 -2.24 -10.97 -11.54
N SER A 285 -2.65 -11.53 -12.68
CA SER A 285 -4.02 -12.03 -12.81
C SER A 285 -4.35 -13.16 -11.83
N CYS A 286 -3.38 -14.05 -11.59
CA CYS A 286 -3.56 -15.14 -10.62
C CYS A 286 -3.75 -14.59 -9.20
N ILE A 287 -2.93 -13.61 -8.84
CA ILE A 287 -2.99 -12.99 -7.51
C ILE A 287 -4.36 -12.30 -7.32
N ALA A 288 -4.84 -11.65 -8.38
CA ALA A 288 -6.15 -11.02 -8.35
C ALA A 288 -7.29 -12.03 -8.11
N LYS A 289 -7.26 -13.15 -8.85
CA LYS A 289 -8.22 -14.24 -8.66
C LYS A 289 -8.15 -14.86 -7.27
N SER A 290 -6.93 -15.07 -6.78
CA SER A 290 -6.68 -15.64 -5.46
C SER A 290 -7.22 -14.77 -4.34
N ARG A 291 -6.99 -13.46 -4.45
CA ARG A 291 -7.35 -12.53 -3.39
C ARG A 291 -8.84 -12.19 -3.38
N ASN A 292 -9.43 -12.05 -4.57
CA ASN A 292 -10.82 -11.63 -4.73
C ASN A 292 -11.09 -10.38 -3.90
N ASP A 293 -10.14 -9.44 -3.96
CA ASP A 293 -10.20 -8.22 -3.15
C ASP A 293 -10.73 -7.04 -3.99
N LYS A 294 -10.26 -5.83 -3.69
CA LYS A 294 -10.83 -4.61 -4.31
C LYS A 294 -9.91 -3.90 -5.29
N LEU A 295 -8.70 -3.58 -4.83
CA LEU A 295 -7.78 -2.74 -5.59
C LEU A 295 -6.35 -3.22 -5.38
N GLN A 296 -5.63 -3.39 -6.47
CA GLN A 296 -4.28 -3.95 -6.37
C GLN A 296 -3.18 -3.11 -6.99
N LEU A 297 -2.00 -3.17 -6.38
CA LEU A 297 -0.80 -2.57 -6.95
C LEU A 297 0.20 -3.68 -7.21
N PHE A 298 0.88 -3.60 -8.35
CA PHE A 298 1.90 -4.57 -8.72
C PHE A 298 3.08 -3.81 -9.30
N GLY A 299 4.27 -4.11 -8.79
CA GLY A 299 5.46 -3.37 -9.20
C GLY A 299 6.71 -4.22 -9.25
N PHE A 300 7.76 -3.65 -9.83
CA PHE A 300 9.01 -4.40 -10.01
C PHE A 300 10.18 -3.44 -10.21
N PRO A 301 11.42 -3.91 -9.89
CA PRO A 301 12.62 -3.09 -10.08
C PRO A 301 13.11 -3.09 -11.52
N ILE A 302 13.88 -2.05 -11.85
CA ILE A 302 14.50 -1.90 -13.17
C ILE A 302 15.96 -1.56 -12.93
N ASP A 303 16.85 -2.31 -13.56
CA ASP A 303 18.28 -1.99 -13.58
C ASP A 303 18.45 -0.78 -14.48
N ARG A 304 18.90 0.34 -13.91
CA ARG A 304 18.97 1.61 -14.65
C ARG A 304 20.31 1.88 -15.33
N ARG A 305 21.32 1.06 -15.07
CA ARG A 305 22.70 1.33 -15.55
C ARG A 305 22.77 1.76 -17.01
N ALA A 306 22.31 0.89 -17.92
CA ALA A 306 22.39 1.13 -19.36
C ALA A 306 21.51 2.28 -19.84
N ARG A 307 20.52 2.63 -19.02
CA ARG A 307 19.53 3.65 -19.35
C ARG A 307 19.94 5.04 -18.86
N MSE A 308 20.98 5.11 -18.05
CA MSE A 308 21.48 6.38 -17.52
C MSE A 308 22.05 7.25 -18.65
O MSE A 308 22.40 6.74 -19.71
CB MSE A 308 22.53 6.16 -16.44
CG MSE A 308 22.00 5.54 -15.16
SE MSE A 308 21.01 6.79 -14.04
CE MSE A 308 22.53 7.68 -13.16
N LYS A 309 22.09 8.56 -18.41
CA LYS A 309 22.64 9.52 -19.37
C LYS A 309 23.81 10.27 -18.73
N PRO A 310 25.06 9.87 -19.06
CA PRO A 310 25.47 8.78 -19.93
C PRO A 310 25.36 7.41 -19.24
N PRO A 311 25.40 6.30 -20.02
CA PRO A 311 25.27 4.95 -19.47
C PRO A 311 26.30 4.61 -18.38
N ILE A 312 25.85 3.86 -17.38
CA ILE A 312 26.71 3.39 -16.30
C ILE A 312 27.21 1.99 -16.65
N PRO A 313 28.54 1.76 -16.55
CA PRO A 313 29.08 0.43 -16.85
C PRO A 313 28.44 -0.63 -15.97
N THR A 314 28.24 -1.84 -16.52
CA THR A 314 27.66 -2.97 -15.79
C THR A 314 28.36 -3.20 -14.45
N ALA A 315 29.69 -3.08 -14.46
CA ALA A 315 30.51 -3.39 -13.31
C ALA A 315 30.52 -2.32 -12.20
N TYR A 316 29.81 -1.21 -12.42
CA TYR A 316 29.65 -0.19 -11.37
C TYR A 316 29.18 -0.85 -10.09
N PHE A 317 29.89 -0.58 -9.00
CA PHE A 317 29.59 -1.20 -7.72
C PHE A 317 28.62 -0.37 -6.91
N GLY A 318 27.50 -0.96 -6.56
CA GLY A 318 26.51 -0.29 -5.73
C GLY A 318 25.11 -0.44 -6.32
N ASN A 319 24.19 0.39 -5.86
CA ASN A 319 22.82 0.34 -6.37
C ASN A 319 22.63 1.29 -7.53
N CYS A 320 21.94 0.81 -8.55
CA CYS A 320 21.49 1.65 -9.65
C CYS A 320 20.19 1.04 -10.17
N VAL A 321 19.16 1.21 -9.35
CA VAL A 321 17.87 0.57 -9.53
C VAL A 321 16.74 1.58 -9.60
N GLY A 322 15.80 1.34 -10.52
CA GLY A 322 14.57 2.11 -10.58
C GLY A 322 13.40 1.18 -10.33
N GLY A 323 12.20 1.67 -10.55
CA GLY A 323 11.00 0.87 -10.31
C GLY A 323 9.85 1.33 -11.16
N CYS A 324 8.87 0.43 -11.33
CA CYS A 324 7.68 0.72 -12.10
C CYS A 324 6.53 0.01 -11.40
N ALA A 325 5.37 0.63 -11.36
CA ALA A 325 4.22 -0.01 -10.76
C ALA A 325 2.93 0.29 -11.53
N ALA A 326 1.93 -0.57 -11.38
CA ALA A 326 0.61 -0.35 -11.94
C ALA A 326 -0.44 -0.62 -10.87
N ILE A 327 -1.59 0.03 -11.02
CA ILE A 327 -2.70 -0.12 -10.08
C ILE A 327 -3.96 -0.41 -10.89
N ALA A 328 -4.74 -1.39 -10.45
CA ALA A 328 -5.99 -1.72 -11.11
C ALA A 328 -6.96 -2.32 -10.14
N LYS A 329 -8.25 -2.10 -10.40
CA LYS A 329 -9.31 -2.75 -9.66
C LYS A 329 -9.22 -4.25 -9.92
N THR A 330 -9.41 -5.03 -8.86
CA THR A 330 -9.25 -6.48 -8.89
C THR A 330 -10.15 -7.16 -9.93
N ASN A 331 -11.40 -6.72 -10.01
CA ASN A 331 -12.36 -7.25 -10.99
C ASN A 331 -11.90 -7.11 -12.45
N LEU A 332 -11.04 -6.13 -12.71
CA LEU A 332 -10.50 -5.93 -14.06
C LEU A 332 -9.29 -6.83 -14.38
N LEU A 333 -8.78 -7.53 -13.36
CA LEU A 333 -7.56 -8.33 -13.48
C LEU A 333 -7.80 -9.83 -13.56
N ILE A 334 -9.05 -10.24 -13.36
CA ILE A 334 -9.40 -11.66 -13.28
C ILE A 334 -9.70 -12.27 -14.67
N GLY A 335 -9.26 -13.51 -14.87
CA GLY A 335 -9.58 -14.26 -16.10
C GLY A 335 -8.74 -13.92 -17.31
N LYS A 336 -9.15 -14.46 -18.46
CA LYS A 336 -8.40 -14.25 -19.71
C LYS A 336 -8.35 -12.77 -20.09
N GLU A 337 -9.45 -12.06 -19.92
CA GLU A 337 -9.48 -10.63 -20.20
C GLU A 337 -8.66 -9.86 -19.16
N GLY A 338 -8.61 -10.38 -17.94
CA GLY A 338 -7.81 -9.79 -16.87
C GLY A 338 -6.32 -9.82 -17.14
N PHE A 339 -5.84 -10.94 -17.68
CA PHE A 339 -4.43 -11.04 -18.06
C PHE A 339 -4.06 -10.00 -19.13
N ILE A 340 -4.96 -9.82 -20.09
CA ILE A 340 -4.75 -8.85 -21.17
C ILE A 340 -4.69 -7.43 -20.59
N THR A 341 -5.63 -7.11 -19.71
CA THR A 341 -5.66 -5.82 -19.04
C THR A 341 -4.38 -5.59 -18.24
N ALA A 342 -3.94 -6.61 -17.52
CA ALA A 342 -2.71 -6.54 -16.73
C ALA A 342 -1.50 -6.24 -17.60
N ALA A 343 -1.41 -6.92 -18.73
CA ALA A 343 -0.30 -6.75 -19.67
C ALA A 343 -0.29 -5.33 -20.24
N LYS A 344 -1.48 -4.81 -20.53
CA LYS A 344 -1.65 -3.45 -21.00
C LYS A 344 -1.14 -2.42 -19.98
N LEU A 345 -1.58 -2.55 -18.74
CA LEU A 345 -1.24 -1.56 -17.71
C LEU A 345 0.25 -1.60 -17.36
N ILE A 346 0.79 -2.81 -17.25
CA ILE A 346 2.24 -2.98 -17.05
C ILE A 346 3.02 -2.38 -18.23
N GLY A 347 2.64 -2.75 -19.45
CA GLY A 347 3.27 -2.25 -20.67
C GLY A 347 3.23 -0.73 -20.79
N GLU A 348 2.05 -0.14 -20.59
CA GLU A 348 1.91 1.32 -20.63
C GLU A 348 2.80 2.01 -19.60
N ASN A 349 2.76 1.51 -18.35
CA ASN A 349 3.49 2.15 -17.25
C ASN A 349 5.00 2.00 -17.40
N LEU A 350 5.44 0.83 -17.86
CA LEU A 350 6.86 0.60 -18.12
C LEU A 350 7.35 1.46 -19.27
N HIS A 351 6.55 1.57 -20.33
CA HIS A 351 6.93 2.44 -21.45
C HIS A 351 7.12 3.88 -20.99
N LYS A 352 6.18 4.39 -20.20
CA LYS A 352 6.30 5.71 -19.60
C LYS A 352 7.57 5.86 -18.76
N THR A 353 7.82 4.89 -17.87
CA THR A 353 9.00 4.91 -17.01
C THR A 353 10.31 4.95 -17.82
N LEU A 354 10.42 4.11 -18.85
CA LEU A 354 11.63 4.03 -19.66
C LEU A 354 11.85 5.28 -20.52
N THR A 355 10.75 5.89 -20.97
CA THR A 355 10.82 7.18 -21.69
C THR A 355 11.40 8.25 -20.76
N ASP A 356 10.91 8.29 -19.52
CA ASP A 356 11.43 9.22 -18.51
C ASP A 356 12.94 9.07 -18.31
N TYR A 357 13.42 7.82 -18.28
CA TYR A 357 14.86 7.54 -18.14
C TYR A 357 15.65 8.08 -19.33
N LYS A 358 15.08 7.93 -20.54
CA LYS A 358 15.67 8.45 -21.78
C LYS A 358 15.76 9.98 -21.74
N ASP A 359 14.76 10.61 -21.12
CA ASP A 359 14.72 12.06 -20.93
C ASP A 359 15.65 12.51 -19.80
N GLY A 360 16.26 11.54 -19.11
CA GLY A 360 17.20 11.82 -18.03
C GLY A 360 16.57 12.13 -16.69
N VAL A 361 15.31 11.74 -16.51
CA VAL A 361 14.61 11.93 -15.24
C VAL A 361 15.10 10.91 -14.22
N LEU A 362 15.70 11.41 -13.13
CA LEU A 362 16.32 10.57 -12.12
C LEU A 362 15.40 10.24 -10.95
N LYS A 363 14.60 11.22 -10.52
CA LYS A 363 13.67 11.03 -9.42
C LYS A 363 12.51 10.10 -9.82
N ASP A 364 11.90 9.46 -8.80
CA ASP A 364 10.80 8.52 -9.00
C ASP A 364 11.19 7.35 -9.90
N ASN A 370 0.94 9.72 0.16
CA ASN A 370 -0.50 9.83 0.31
C ASN A 370 -1.24 10.18 -0.99
N ASP A 371 -0.60 9.89 -2.12
CA ASP A 371 -1.30 9.82 -3.40
C ASP A 371 -2.35 8.73 -3.28
N LEU A 372 -2.00 7.66 -2.57
CA LEU A 372 -2.88 6.52 -2.36
C LEU A 372 -4.05 6.80 -1.42
N VAL A 373 -3.82 7.61 -0.39
CA VAL A 373 -4.91 7.97 0.53
C VAL A 373 -6.04 8.66 -0.25
N SER A 374 -5.66 9.57 -1.15
CA SER A 374 -6.63 10.30 -1.98
C SER A 374 -7.26 9.40 -3.05
N GLU A 375 -6.42 8.77 -3.86
CA GLU A 375 -6.90 8.03 -5.03
C GLU A 375 -7.55 6.69 -4.71
N GLY A 376 -7.13 6.08 -3.60
CA GLY A 376 -7.68 4.79 -3.16
C GLY A 376 -6.58 3.88 -2.65
N MSE A 377 -6.77 3.37 -1.44
CA MSE A 377 -5.84 2.43 -0.82
C MSE A 377 -5.94 1.03 -1.41
O MSE A 377 -7.01 0.42 -1.38
CB MSE A 377 -6.13 2.33 0.67
CG MSE A 377 -5.74 3.56 1.45
SE MSE A 377 -3.94 3.28 2.11
CE MSE A 377 -2.92 3.63 0.59
N PRO A 378 -4.83 0.52 -1.98
CA PRO A 378 -4.80 -0.88 -2.43
C PRO A 378 -5.02 -1.87 -1.29
N THR A 379 -5.85 -2.88 -1.55
CA THR A 379 -6.07 -3.99 -0.63
C THR A 379 -5.04 -5.12 -0.81
N THR A 380 -4.28 -5.09 -1.92
CA THR A 380 -3.11 -5.98 -2.11
C THR A 380 -2.01 -5.19 -2.80
N MSE A 381 -0.77 -5.39 -2.36
CA MSE A 381 0.38 -4.84 -3.06
C MSE A 381 1.45 -5.90 -3.21
O MSE A 381 1.78 -6.60 -2.24
CB MSE A 381 0.95 -3.63 -2.32
CG MSE A 381 -0.09 -2.73 -1.69
SE MSE A 381 0.77 -1.25 -0.81
CE MSE A 381 0.83 -0.04 -2.31
N THR A 382 1.98 -6.04 -4.42
CA THR A 382 3.00 -7.05 -4.72
C THR A 382 4.18 -6.35 -5.40
N TRP A 383 5.38 -6.57 -4.86
CA TRP A 383 6.61 -6.07 -5.48
C TRP A 383 7.51 -7.22 -5.85
N VAL A 384 7.95 -7.26 -7.10
CA VAL A 384 8.79 -8.35 -7.62
C VAL A 384 10.22 -8.23 -7.10
N SER A 385 10.75 -9.33 -6.59
CA SER A 385 12.18 -9.49 -6.33
C SER A 385 12.76 -10.30 -7.49
N GLY A 386 13.84 -9.82 -8.08
CA GLY A 386 14.50 -10.61 -9.12
C GLY A 386 14.74 -9.88 -10.41
N THR A 387 15.80 -10.31 -11.09
CA THR A 387 16.09 -9.84 -12.44
C THR A 387 16.48 -11.08 -13.26
N PRO A 388 15.54 -11.58 -14.08
CA PRO A 388 15.73 -12.79 -14.87
C PRO A 388 16.95 -12.73 -15.80
N LYS A 389 17.43 -11.52 -16.14
CA LYS A 389 18.59 -11.40 -17.01
C LYS A 389 19.89 -11.88 -16.37
N LEU A 390 19.93 -11.87 -15.03
CA LEU A 390 21.13 -12.29 -14.31
C LEU A 390 21.01 -13.77 -13.96
N ARG A 391 21.95 -14.57 -14.47
CA ARG A 391 21.84 -16.01 -14.31
C ARG A 391 22.50 -16.54 -13.03
N PHE A 392 21.81 -16.33 -11.92
CA PHE A 392 22.27 -16.88 -10.64
C PHE A 392 22.25 -18.42 -10.68
N TYR A 393 21.44 -18.99 -11.56
CA TYR A 393 21.40 -20.46 -11.71
C TYR A 393 22.70 -21.04 -12.33
N ASP A 394 23.64 -20.18 -12.73
CA ASP A 394 24.94 -20.62 -13.26
C ASP A 394 26.07 -20.62 -12.23
N MSE A 395 25.75 -20.21 -11.00
CA MSE A 395 26.78 -20.06 -9.97
C MSE A 395 27.31 -21.42 -9.49
O MSE A 395 26.59 -22.19 -8.88
CB MSE A 395 26.27 -19.20 -8.81
CG MSE A 395 25.89 -17.78 -9.20
SE MSE A 395 27.37 -16.77 -10.02
CE MSE A 395 27.10 -17.16 -11.96
N ASP A 396 28.58 -21.69 -9.80
CA ASP A 396 29.17 -23.02 -9.62
C ASP A 396 30.46 -22.88 -8.81
N PHE A 397 30.43 -23.39 -7.57
CA PHE A 397 31.56 -23.30 -6.66
C PHE A 397 32.56 -24.44 -6.84
N GLY A 398 32.22 -25.38 -7.73
CA GLY A 398 33.04 -26.55 -7.98
C GLY A 398 32.25 -27.85 -7.96
N TRP A 399 31.00 -27.78 -7.51
CA TRP A 399 30.15 -28.99 -7.36
C TRP A 399 29.10 -29.10 -8.44
N GLY A 400 29.10 -28.15 -9.38
CA GLY A 400 28.07 -28.06 -10.39
C GLY A 400 27.14 -26.89 -10.15
N LYS A 401 26.23 -26.68 -11.09
CA LYS A 401 25.25 -25.59 -10.99
C LYS A 401 24.18 -25.92 -9.94
N PRO A 402 23.51 -24.88 -9.40
CA PRO A 402 22.50 -25.11 -8.37
C PRO A 402 21.33 -25.94 -8.87
N LYS A 403 20.83 -26.82 -8.00
CA LYS A 403 19.59 -27.53 -8.25
C LYS A 403 18.38 -26.61 -8.10
N LYS A 404 18.42 -25.73 -7.11
CA LYS A 404 17.30 -24.84 -6.81
C LYS A 404 17.79 -23.54 -6.18
N LEU A 405 17.16 -22.44 -6.57
CA LEU A 405 17.35 -21.14 -5.90
C LEU A 405 16.07 -20.77 -5.17
N GLU A 406 16.20 -20.12 -4.00
CA GLU A 406 15.05 -19.57 -3.29
C GLU A 406 15.42 -18.18 -2.73
N THR A 407 14.52 -17.21 -2.93
CA THR A 407 14.62 -15.91 -2.26
C THR A 407 13.70 -15.96 -1.06
N VAL A 408 14.31 -16.24 0.10
CA VAL A 408 13.60 -16.48 1.34
C VAL A 408 12.97 -15.19 1.87
N SER A 409 13.57 -14.04 1.56
CA SER A 409 13.12 -12.76 2.12
C SER A 409 11.78 -12.26 1.55
N ILE A 410 11.23 -12.91 0.51
CA ILE A 410 9.88 -12.54 0.03
C ILE A 410 8.80 -12.83 1.08
N ASP A 411 9.13 -13.65 2.08
CA ASP A 411 8.20 -14.03 3.15
C ASP A 411 7.78 -12.85 4.05
N HIS A 412 8.62 -11.82 4.10
CA HIS A 412 8.49 -10.64 5.00
C HIS A 412 7.31 -9.72 4.64
N ASN A 413 6.98 -9.64 3.36
CA ASN A 413 6.07 -8.60 2.88
C ASN A 413 5.50 -8.91 1.49
N GLY A 414 4.84 -7.92 0.88
CA GLY A 414 4.14 -8.13 -0.37
C GLY A 414 5.11 -8.27 -1.51
N ALA A 415 5.58 -9.50 -1.73
CA ALA A 415 6.66 -9.77 -2.67
C ALA A 415 6.59 -11.18 -3.24
N ILE A 416 7.00 -11.31 -4.51
CA ILE A 416 7.22 -12.60 -5.18
C ILE A 416 8.59 -12.53 -5.86
N SER A 417 9.17 -13.68 -6.18
CA SER A 417 10.45 -13.70 -6.89
C SER A 417 10.22 -14.14 -8.34
N ILE A 418 10.95 -13.53 -9.26
CA ILE A 418 10.91 -13.92 -10.68
C ILE A 418 12.35 -14.01 -11.18
N ASN A 419 12.74 -15.22 -11.59
CA ASN A 419 14.09 -15.47 -12.08
C ASN A 419 14.08 -16.42 -13.27
N SER A 420 15.18 -16.48 -14.00
CA SER A 420 15.31 -17.46 -15.07
C SER A 420 15.48 -18.85 -14.45
N CYS A 421 15.29 -19.90 -15.27
CA CYS A 421 15.49 -21.27 -14.82
C CYS A 421 16.90 -21.68 -15.24
N LYS A 422 17.31 -22.91 -14.96
CA LYS A 422 18.60 -23.30 -15.56
C LYS A 422 18.72 -24.44 -16.54
N GLU A 423 17.67 -25.24 -16.68
CA GLU A 423 17.59 -26.08 -17.87
C GLU A 423 17.29 -25.19 -19.07
N SER A 424 16.69 -24.01 -18.81
CA SER A 424 16.46 -22.99 -19.84
C SER A 424 16.46 -21.57 -19.30
N ASN A 425 17.25 -20.70 -19.94
CA ASN A 425 17.30 -19.27 -19.60
C ASN A 425 16.14 -18.48 -20.21
N GLU A 426 15.32 -19.15 -21.03
CA GLU A 426 14.13 -18.56 -21.63
C GLU A 426 12.87 -18.82 -20.82
N ASP A 427 12.95 -19.77 -19.88
CA ASP A 427 11.83 -20.07 -19.00
C ASP A 427 11.95 -19.24 -17.72
N LEU A 428 10.81 -18.98 -17.08
CA LEU A 428 10.76 -18.19 -15.85
C LEU A 428 10.22 -18.99 -14.66
N GLU A 429 10.88 -18.81 -13.51
CA GLU A 429 10.50 -19.39 -12.23
C GLU A 429 9.96 -18.29 -11.34
N ILE A 430 8.73 -18.47 -10.86
CA ILE A 430 8.09 -17.50 -9.96
C ILE A 430 7.92 -18.09 -8.57
N GLY A 431 8.56 -17.48 -7.58
CA GLY A 431 8.48 -17.95 -6.18
C GLY A 431 7.43 -17.21 -5.39
N VAL A 432 6.59 -17.95 -4.67
CA VAL A 432 5.48 -17.39 -3.88
C VAL A 432 5.51 -18.02 -2.49
N CYS A 433 5.34 -17.21 -1.45
CA CYS A 433 5.12 -17.73 -0.10
C CYS A 433 3.85 -17.10 0.46
N ILE A 434 2.82 -17.93 0.64
CA ILE A 434 1.52 -17.45 1.11
C ILE A 434 0.90 -18.48 2.07
N SER A 435 -0.12 -18.06 2.81
CA SER A 435 -0.73 -18.93 3.81
C SER A 435 -1.25 -20.22 3.17
N ALA A 436 -1.26 -21.29 3.96
CA ALA A 436 -1.64 -22.62 3.47
C ALA A 436 -3.03 -22.62 2.85
N THR A 437 -3.97 -21.91 3.48
CA THR A 437 -5.35 -21.85 2.97
C THR A 437 -5.42 -21.26 1.57
N GLN A 438 -4.56 -20.28 1.28
CA GLN A 438 -4.58 -19.59 -0.01
C GLN A 438 -3.77 -20.31 -1.09
N MSE A 439 -2.82 -21.14 -0.68
CA MSE A 439 -1.95 -21.85 -1.62
C MSE A 439 -2.70 -22.85 -2.49
O MSE A 439 -2.51 -22.88 -3.71
CB MSE A 439 -0.80 -22.55 -0.87
CG MSE A 439 0.15 -23.29 -1.79
SE MSE A 439 0.99 -22.12 -3.08
CE MSE A 439 2.37 -21.37 -1.95
N GLU A 440 -3.55 -23.66 -1.88
CA GLU A 440 -4.32 -24.68 -2.59
C GLU A 440 -5.06 -24.11 -3.80
N ASP A 441 -5.82 -23.03 -3.57
CA ASP A 441 -6.50 -22.31 -4.64
C ASP A 441 -5.53 -21.71 -5.64
N PHE A 442 -4.46 -21.08 -5.13
CA PHE A 442 -3.50 -20.41 -6.01
C PHE A 442 -2.92 -21.38 -7.04
N VAL A 443 -2.57 -22.58 -6.59
CA VAL A 443 -2.00 -23.61 -7.45
C VAL A 443 -2.97 -23.95 -8.58
N HIS A 444 -4.23 -24.19 -8.23
CA HIS A 444 -5.28 -24.47 -9.21
C HIS A 444 -5.49 -23.29 -10.15
N ILE A 445 -5.52 -22.09 -9.60
CA ILE A 445 -5.65 -20.87 -10.41
C ILE A 445 -4.54 -20.77 -11.47
N PHE A 446 -3.30 -20.91 -11.03
CA PHE A 446 -2.15 -20.86 -11.94
C PHE A 446 -2.19 -21.96 -13.02
N ASP A 447 -2.31 -23.21 -12.58
CA ASP A 447 -2.29 -24.36 -13.49
C ASP A 447 -3.49 -24.40 -14.45
N ASP A 448 -4.69 -24.20 -13.90
CA ASP A 448 -5.93 -24.21 -14.70
C ASP A 448 -5.95 -23.12 -15.76
N GLY A 449 -5.43 -21.95 -15.41
CA GLY A 449 -5.40 -20.82 -16.29
C GLY A 449 -4.53 -21.04 -17.52
N LEU A 450 -3.54 -21.90 -17.39
CA LEU A 450 -2.65 -22.21 -18.51
C LEU A 450 -3.25 -23.30 -19.38
N ILE B 6 -36.26 -3.80 -10.13
CA ILE B 6 -35.66 -3.53 -8.80
C ILE B 6 -35.71 -2.03 -8.48
N LEU B 7 -35.29 -1.21 -9.45
CA LEU B 7 -35.31 0.24 -9.30
C LEU B 7 -35.96 0.94 -10.48
N THR B 8 -36.86 1.87 -10.18
CA THR B 8 -37.57 2.67 -11.17
C THR B 8 -37.27 4.15 -10.92
N VAL B 9 -36.80 4.84 -11.95
CA VAL B 9 -36.57 6.27 -11.84
C VAL B 9 -37.88 7.01 -12.10
N LEU B 10 -38.32 7.76 -11.10
CA LEU B 10 -39.59 8.48 -11.14
C LEU B 10 -39.39 9.87 -11.73
N GLU B 11 -38.32 10.55 -11.33
CA GLU B 11 -38.04 11.90 -11.82
C GLU B 11 -36.55 12.20 -11.76
N GLN B 12 -36.04 12.79 -12.84
CA GLN B 12 -34.69 13.31 -12.86
C GLN B 12 -34.80 14.82 -12.85
N SER B 13 -34.53 15.41 -11.69
CA SER B 13 -34.72 16.85 -11.55
C SER B 13 -33.40 17.60 -11.38
N GLN B 14 -33.45 18.92 -11.54
CA GLN B 14 -32.33 19.80 -11.28
C GLN B 14 -32.78 20.87 -10.30
N VAL B 15 -32.05 21.02 -9.21
CA VAL B 15 -32.42 21.95 -8.14
C VAL B 15 -31.41 23.08 -8.04
N SER B 16 -31.91 24.31 -8.12
CA SER B 16 -31.08 25.51 -8.03
C SER B 16 -31.51 26.36 -6.84
N PRO B 17 -30.66 27.32 -6.41
CA PRO B 17 -31.14 28.26 -5.39
C PRO B 17 -32.36 29.02 -5.94
N PRO B 18 -33.16 29.63 -5.06
CA PRO B 18 -34.33 30.36 -5.54
C PRO B 18 -33.94 31.54 -6.46
N PRO B 19 -34.86 31.98 -7.33
CA PRO B 19 -34.54 33.10 -8.23
C PRO B 19 -34.15 34.37 -7.46
N ASP B 20 -33.18 35.11 -8.00
CA ASP B 20 -32.73 36.39 -7.42
C ASP B 20 -32.23 36.27 -5.97
N THR B 21 -31.41 35.27 -5.71
CA THR B 21 -30.85 35.06 -4.36
C THR B 21 -29.33 34.94 -4.37
N LEU B 22 -28.78 34.39 -5.45
CA LEU B 22 -27.35 34.14 -5.53
C LEU B 22 -26.81 34.53 -6.90
N GLY B 23 -25.79 35.37 -6.91
CA GLY B 23 -25.06 35.68 -8.15
C GLY B 23 -23.90 34.73 -8.30
N ASP B 24 -23.09 34.94 -9.35
CA ASP B 24 -21.86 34.18 -9.56
C ASP B 24 -20.95 34.30 -8.33
N LYS B 25 -20.41 33.16 -7.89
CA LYS B 25 -19.56 33.14 -6.70
C LYS B 25 -18.48 32.08 -6.86
N SER B 26 -17.28 32.40 -6.37
CA SER B 26 -16.18 31.45 -6.37
C SER B 26 -15.71 31.19 -4.95
N LEU B 27 -15.09 30.04 -4.74
CA LEU B 27 -14.41 29.76 -3.48
C LEU B 27 -12.99 29.32 -3.82
N GLN B 28 -12.01 30.00 -3.23
CA GLN B 28 -10.61 29.62 -3.39
C GLN B 28 -10.30 28.43 -2.51
N LEU B 29 -9.36 27.62 -2.95
CA LEU B 29 -9.03 26.37 -2.27
C LEU B 29 -7.65 26.39 -1.66
N THR B 30 -7.42 25.49 -0.70
CA THR B 30 -6.13 25.37 -0.05
C THR B 30 -5.50 24.01 -0.36
N PHE B 31 -4.26 23.81 0.11
CA PHE B 31 -3.58 22.53 -0.02
C PHE B 31 -4.39 21.35 0.55
N PHE B 32 -5.15 21.60 1.61
CA PHE B 32 -6.02 20.60 2.20
C PHE B 32 -7.02 20.09 1.15
N ASP B 33 -7.53 21.02 0.34
CA ASP B 33 -8.49 20.68 -0.73
C ASP B 33 -7.79 20.07 -1.93
N PHE B 34 -6.63 20.64 -2.30
CA PHE B 34 -5.85 20.14 -3.44
C PHE B 34 -5.44 18.68 -3.28
N PHE B 35 -5.21 18.26 -2.03
CA PHE B 35 -4.89 16.87 -1.71
C PHE B 35 -5.86 15.88 -2.40
N TRP B 36 -7.13 16.27 -2.47
CA TRP B 36 -8.22 15.39 -2.92
C TRP B 36 -8.56 15.52 -4.40
N LEU B 37 -7.73 16.24 -5.15
CA LEU B 37 -8.02 16.50 -6.56
C LEU B 37 -8.39 15.27 -7.39
N ARG B 38 -7.67 14.16 -7.20
CA ARG B 38 -7.89 12.94 -8.00
C ARG B 38 -8.63 11.79 -7.28
N SER B 39 -9.39 12.13 -6.25
CA SER B 39 -10.07 11.16 -5.41
C SER B 39 -11.36 10.64 -6.06
N PRO B 40 -11.78 9.40 -5.74
CA PRO B 40 -13.08 8.91 -6.19
C PRO B 40 -14.24 9.58 -5.42
N PRO B 41 -15.47 9.50 -5.95
CA PRO B 41 -16.59 10.10 -5.22
C PRO B 41 -16.85 9.42 -3.87
N ILE B 42 -17.42 10.19 -2.95
CA ILE B 42 -17.87 9.69 -1.66
C ILE B 42 -19.36 9.42 -1.79
N ASN B 43 -19.81 8.24 -1.34
CA ASN B 43 -21.22 7.84 -1.43
C ASN B 43 -21.77 7.44 -0.07
N ASN B 44 -22.80 8.14 0.38
CA ASN B 44 -23.41 7.87 1.66
C ASN B 44 -24.92 7.66 1.53
N LEU B 45 -25.45 6.77 2.36
CA LEU B 45 -26.88 6.53 2.43
C LEU B 45 -27.43 6.79 3.81
N PHE B 46 -28.63 7.36 3.85
CA PHE B 46 -29.42 7.52 5.06
C PHE B 46 -30.76 6.82 4.82
N PHE B 47 -31.03 5.77 5.60
CA PHE B 47 -32.29 5.01 5.49
C PHE B 47 -33.25 5.44 6.59
N TYR B 48 -34.50 5.68 6.20
CA TYR B 48 -35.58 6.04 7.12
C TYR B 48 -36.75 5.09 6.99
N GLU B 49 -37.33 4.72 8.13
CA GLU B 49 -38.52 3.89 8.16
C GLU B 49 -39.75 4.77 8.37
N LEU B 50 -40.74 4.61 7.49
CA LEU B 50 -42.04 5.29 7.60
C LEU B 50 -42.99 4.68 6.57
N PRO B 51 -44.28 4.45 6.96
CA PRO B 51 -45.18 3.77 6.03
C PRO B 51 -45.76 4.72 4.98
N ILE B 52 -44.88 5.15 4.07
CA ILE B 52 -45.20 6.15 3.08
C ILE B 52 -45.61 5.52 1.75
N THR B 53 -46.72 6.02 1.21
CA THR B 53 -47.25 5.53 -0.06
C THR B 53 -46.62 6.25 -1.23
N ARG B 54 -46.75 5.70 -2.42
CA ARG B 54 -46.32 6.36 -3.64
C ARG B 54 -46.98 7.74 -3.80
N SER B 55 -48.28 7.82 -3.55
CA SER B 55 -48.98 9.09 -3.71
C SER B 55 -48.43 10.15 -2.76
N GLN B 56 -48.23 9.78 -1.50
CA GLN B 56 -47.71 10.71 -0.52
C GLN B 56 -46.29 11.15 -0.90
N PHE B 57 -45.48 10.20 -1.34
CA PHE B 57 -44.10 10.48 -1.78
C PHE B 57 -44.09 11.55 -2.87
N THR B 58 -44.91 11.35 -3.90
CA THR B 58 -45.04 12.30 -4.99
C THR B 58 -45.63 13.66 -4.57
N GLU B 59 -46.65 13.62 -3.70
CA GLU B 59 -47.40 14.83 -3.35
C GLU B 59 -46.68 15.78 -2.42
N THR B 60 -45.96 15.25 -1.42
CA THR B 60 -45.25 16.12 -0.48
C THR B 60 -43.74 15.90 -0.42
N VAL B 61 -43.27 14.65 -0.41
CA VAL B 61 -41.82 14.44 -0.24
C VAL B 61 -41.01 15.05 -1.38
N VAL B 62 -41.38 14.72 -2.62
CA VAL B 62 -40.70 15.26 -3.80
C VAL B 62 -40.61 16.80 -3.78
N PRO B 63 -41.75 17.51 -3.66
CA PRO B 63 -41.65 18.98 -3.60
C PRO B 63 -40.90 19.50 -2.37
N ASN B 64 -41.05 18.82 -1.24
CA ASN B 64 -40.35 19.23 -0.01
C ASN B 64 -38.83 19.09 -0.13
N ILE B 65 -38.38 17.98 -0.71
CA ILE B 65 -36.95 17.80 -0.96
C ILE B 65 -36.41 18.93 -1.85
N LYS B 66 -37.07 19.15 -2.99
CA LYS B 66 -36.67 20.18 -3.93
C LYS B 66 -36.61 21.57 -3.29
N HIS B 67 -37.69 21.93 -2.59
CA HIS B 67 -37.86 23.25 -2.01
C HIS B 67 -36.87 23.51 -0.87
N SER B 68 -36.75 22.54 0.05
CA SER B 68 -35.82 22.65 1.17
C SER B 68 -34.38 22.68 0.69
N LEU B 69 -34.05 21.86 -0.30
CA LEU B 69 -32.71 21.87 -0.87
C LEU B 69 -32.41 23.21 -1.54
N SER B 70 -33.34 23.69 -2.37
CA SER B 70 -33.23 25.00 -3.03
C SER B 70 -32.86 26.11 -2.03
N ILE B 71 -33.63 26.20 -0.95
CA ILE B 71 -33.39 27.20 0.10
C ILE B 71 -32.04 27.01 0.78
N THR B 72 -31.67 25.77 1.07
CA THR B 72 -30.36 25.49 1.67
C THR B 72 -29.20 25.95 0.76
N LEU B 73 -29.34 25.73 -0.55
CA LEU B 73 -28.28 26.06 -1.51
C LEU B 73 -27.93 27.56 -1.56
N LYS B 74 -28.90 28.42 -1.26
CA LYS B 74 -28.62 29.86 -1.22
C LYS B 74 -27.64 30.22 -0.10
N HIS B 75 -27.52 29.36 0.91
CA HIS B 75 -26.56 29.56 2.00
C HIS B 75 -25.30 28.74 1.83
N PHE B 76 -25.35 27.73 0.97
CA PHE B 76 -24.23 26.82 0.74
C PHE B 76 -23.87 26.76 -0.74
N TYR B 77 -23.47 27.90 -1.29
CA TYR B 77 -23.22 27.99 -2.73
C TYR B 77 -22.26 26.96 -3.34
N PRO B 78 -21.18 26.57 -2.63
CA PRO B 78 -20.30 25.59 -3.27
C PRO B 78 -20.97 24.24 -3.55
N PHE B 79 -21.99 23.87 -2.78
CA PHE B 79 -22.72 22.61 -3.02
C PHE B 79 -23.41 22.56 -4.39
N VAL B 80 -23.72 23.73 -4.94
CA VAL B 80 -24.34 23.82 -6.26
C VAL B 80 -23.30 24.28 -7.31
N GLY B 81 -22.07 24.43 -6.87
CA GLY B 81 -20.99 24.82 -7.78
C GLY B 81 -20.24 23.64 -8.39
N LYS B 82 -19.17 23.95 -9.10
CA LYS B 82 -18.36 22.91 -9.73
C LYS B 82 -16.88 23.09 -9.41
N LEU B 83 -16.14 21.99 -9.31
CA LEU B 83 -14.69 22.07 -9.20
C LEU B 83 -14.14 22.44 -10.58
N VAL B 84 -13.36 23.51 -10.64
CA VAL B 84 -12.81 23.99 -11.92
C VAL B 84 -11.29 23.79 -11.89
N VAL B 85 -10.77 23.02 -12.84
CA VAL B 85 -9.34 22.77 -12.97
C VAL B 85 -8.81 23.33 -14.29
N TYR B 86 -7.77 24.15 -14.19
CA TYR B 86 -7.13 24.80 -15.33
C TYR B 86 -5.85 24.05 -15.72
N PRO B 87 -5.51 24.03 -17.03
CA PRO B 87 -4.37 23.28 -17.57
C PRO B 87 -3.02 23.92 -17.22
N ALA B 88 -3.03 25.23 -17.00
CA ALA B 88 -1.82 25.95 -16.64
C ALA B 88 -1.43 25.66 -15.19
N PRO B 89 -0.18 25.20 -14.97
CA PRO B 89 0.31 25.00 -13.61
C PRO B 89 0.30 26.28 -12.74
N THR B 90 -0.14 27.40 -13.30
CA THR B 90 -0.22 28.64 -12.53
C THR B 90 -1.59 28.82 -11.89
N LYS B 91 -2.65 28.79 -12.72
CA LYS B 91 -4.01 29.02 -12.22
C LYS B 91 -4.49 27.83 -11.38
N LYS B 92 -4.69 28.11 -10.09
CA LYS B 92 -5.11 27.10 -9.11
C LYS B 92 -6.55 26.69 -9.34
N PRO B 93 -6.87 25.40 -9.11
CA PRO B 93 -8.26 25.00 -9.12
C PRO B 93 -9.09 25.77 -8.08
N GLU B 94 -10.36 26.00 -8.40
CA GLU B 94 -11.28 26.70 -7.51
C GLU B 94 -12.66 26.09 -7.65
N ILE B 95 -13.55 26.45 -6.74
CA ILE B 95 -14.95 26.09 -6.88
C ILE B 95 -15.71 27.30 -7.41
N CYS B 96 -16.41 27.10 -8.52
CA CYS B 96 -17.20 28.16 -9.13
C CYS B 96 -18.67 27.81 -9.17
N TYR B 97 -19.50 28.73 -8.69
CA TYR B 97 -20.93 28.70 -8.96
C TYR B 97 -21.26 29.81 -9.96
N VAL B 98 -22.02 29.46 -10.99
CA VAL B 98 -22.52 30.46 -11.93
C VAL B 98 -24.04 30.34 -12.00
N GLU B 99 -24.71 31.48 -12.17
CA GLU B 99 -26.17 31.49 -12.31
C GLU B 99 -26.57 30.49 -13.39
N GLY B 100 -27.54 29.63 -13.06
CA GLY B 100 -27.95 28.55 -13.93
C GLY B 100 -27.52 27.18 -13.43
N ASP B 101 -26.42 27.13 -12.66
CA ASP B 101 -25.93 25.88 -12.08
C ASP B 101 -26.98 25.24 -11.19
N SER B 102 -27.02 23.91 -11.20
CA SER B 102 -28.03 23.17 -10.44
C SER B 102 -27.45 21.89 -9.87
N VAL B 103 -28.15 21.34 -8.89
CA VAL B 103 -27.83 20.05 -8.31
C VAL B 103 -28.75 18.98 -8.93
N ALA B 104 -28.15 17.89 -9.40
CA ALA B 104 -28.92 16.76 -9.91
C ALA B 104 -29.58 16.04 -8.74
N VAL B 105 -30.92 15.98 -8.76
CA VAL B 105 -31.65 15.23 -7.74
C VAL B 105 -32.54 14.21 -8.43
N THR B 106 -32.27 12.93 -8.18
CA THR B 106 -33.06 11.85 -8.77
C THR B 106 -34.03 11.29 -7.75
N PHE B 107 -35.26 11.11 -8.18
CA PHE B 107 -36.28 10.46 -7.35
C PHE B 107 -36.59 9.13 -7.97
N ALA B 108 -36.57 8.10 -7.13
CA ALA B 108 -36.69 6.75 -7.60
C ALA B 108 -37.57 5.94 -6.67
N GLU B 109 -37.88 4.73 -7.11
CA GLU B 109 -38.65 3.80 -6.32
C GLU B 109 -37.92 2.46 -6.37
N CYS B 110 -37.82 1.82 -5.23
CA CYS B 110 -37.14 0.53 -5.11
C CYS B 110 -38.09 -0.53 -4.57
N ASN B 111 -38.13 -1.67 -5.24
CA ASN B 111 -39.06 -2.73 -4.86
C ASN B 111 -38.46 -3.83 -3.98
N LEU B 112 -37.19 -3.68 -3.63
CA LEU B 112 -36.57 -4.52 -2.61
C LEU B 112 -37.20 -4.25 -1.24
N ASP B 113 -37.28 -5.30 -0.42
CA ASP B 113 -37.71 -5.19 0.95
C ASP B 113 -36.72 -4.32 1.73
N LEU B 114 -37.20 -3.23 2.31
CA LEU B 114 -36.33 -2.30 3.02
C LEU B 114 -35.63 -2.98 4.20
N ASN B 115 -36.36 -3.87 4.87
CA ASN B 115 -35.82 -4.66 5.98
C ASN B 115 -34.65 -5.55 5.58
N GLU B 116 -34.48 -5.78 4.29
CA GLU B 116 -33.34 -6.57 3.78
C GLU B 116 -32.09 -5.71 3.55
N LEU B 117 -32.19 -4.41 3.83
CA LEU B 117 -31.09 -3.47 3.60
C LEU B 117 -30.64 -2.75 4.87
N THR B 118 -31.55 -2.57 5.82
CA THR B 118 -31.29 -1.71 6.98
C THR B 118 -30.75 -2.45 8.20
N GLY B 119 -30.63 -3.77 8.11
CA GLY B 119 -30.07 -4.58 9.21
C GLY B 119 -28.55 -4.49 9.30
N ASN B 120 -27.95 -5.27 10.18
CA ASN B 120 -26.49 -5.24 10.39
C ASN B 120 -25.74 -6.46 9.89
N HIS B 121 -26.50 -7.49 9.53
CA HIS B 121 -25.92 -8.75 9.06
C HIS B 121 -25.50 -8.66 7.60
N PRO B 122 -24.67 -9.62 7.13
CA PRO B 122 -24.19 -9.54 5.74
C PRO B 122 -25.31 -9.42 4.73
N ARG B 123 -25.23 -8.38 3.90
CA ARG B 123 -26.08 -8.28 2.71
C ARG B 123 -25.22 -7.86 1.52
N ASN B 124 -25.65 -8.22 0.32
CA ASN B 124 -24.85 -7.94 -0.88
C ASN B 124 -24.52 -6.47 -1.04
N CYS B 125 -23.22 -6.17 -1.16
CA CYS B 125 -22.77 -4.78 -1.35
C CYS B 125 -23.45 -4.17 -2.57
N ASP B 126 -23.60 -4.96 -3.63
CA ASP B 126 -24.13 -4.43 -4.88
C ASP B 126 -25.59 -4.00 -4.85
N LYS B 127 -26.33 -4.42 -3.82
CA LYS B 127 -27.74 -4.00 -3.65
C LYS B 127 -27.87 -2.49 -3.36
N PHE B 128 -26.78 -1.86 -2.93
CA PHE B 128 -26.81 -0.46 -2.49
C PHE B 128 -26.44 0.51 -3.61
N TYR B 129 -25.85 0.00 -4.69
CA TYR B 129 -25.32 0.87 -5.74
C TYR B 129 -26.37 1.69 -6.47
N ASP B 130 -27.54 1.12 -6.73
CA ASP B 130 -28.55 1.90 -7.44
C ASP B 130 -29.37 2.84 -6.53
N LEU B 131 -28.93 2.96 -5.28
CA LEU B 131 -29.50 3.92 -4.32
C LEU B 131 -28.66 5.18 -4.16
N VAL B 132 -27.45 5.17 -4.73
CA VAL B 132 -26.58 6.35 -4.67
C VAL B 132 -26.40 6.98 -6.05
N PRO B 133 -26.51 8.32 -6.14
CA PRO B 133 -26.45 8.95 -7.45
C PRO B 133 -25.02 8.99 -7.99
N ILE B 134 -24.86 8.97 -9.30
CA ILE B 134 -23.57 9.26 -9.88
C ILE B 134 -23.20 10.71 -9.55
N LEU B 135 -21.91 11.00 -9.45
CA LEU B 135 -21.47 12.36 -9.17
C LEU B 135 -21.93 13.31 -10.29
N GLY B 136 -21.83 12.85 -11.53
CA GLY B 136 -22.30 13.61 -12.69
C GLY B 136 -21.20 13.86 -13.69
N GLU B 137 -21.57 13.98 -14.95
CA GLU B 137 -20.62 14.20 -16.04
C GLU B 137 -19.91 15.54 -15.92
N SER B 138 -18.62 15.53 -16.24
CA SER B 138 -17.83 16.75 -16.28
C SER B 138 -18.22 17.62 -17.49
N THR B 139 -17.91 18.91 -17.40
CA THR B 139 -18.06 19.82 -18.52
C THR B 139 -16.67 20.20 -18.97
N ARG B 140 -16.34 19.84 -20.20
CA ARG B 140 -15.02 20.16 -20.75
C ARG B 140 -15.12 21.38 -21.66
N LEU B 141 -14.44 22.45 -21.27
CA LEU B 141 -14.47 23.69 -22.02
C LEU B 141 -13.08 23.95 -22.60
N SER B 142 -12.94 25.03 -23.37
CA SER B 142 -11.67 25.32 -24.03
C SER B 142 -10.54 25.59 -23.04
N ASP B 143 -10.87 26.23 -21.92
CA ASP B 143 -9.86 26.67 -20.96
C ASP B 143 -9.83 25.91 -19.62
N CYS B 144 -10.73 24.95 -19.44
CA CYS B 144 -10.83 24.22 -18.17
C CYS B 144 -11.76 23.00 -18.27
N ILE B 145 -11.74 22.19 -17.21
CA ILE B 145 -12.72 21.13 -16.99
C ILE B 145 -13.49 21.47 -15.70
N LYS B 146 -14.80 21.25 -15.70
CA LYS B 146 -15.62 21.50 -14.52
C LYS B 146 -16.29 20.21 -14.09
N ILE B 147 -16.22 19.93 -12.78
CA ILE B 147 -16.68 18.67 -12.23
C ILE B 147 -17.75 18.95 -11.16
N PRO B 148 -18.92 18.30 -11.26
CA PRO B 148 -19.97 18.44 -10.24
C PRO B 148 -19.44 18.05 -8.86
N LEU B 149 -19.95 18.70 -7.81
CA LEU B 149 -19.44 18.46 -6.46
C LEU B 149 -20.36 17.66 -5.55
N PHE B 150 -21.65 17.58 -5.93
CA PHE B 150 -22.70 17.12 -5.03
C PHE B 150 -23.93 16.68 -5.81
N SER B 151 -24.45 15.50 -5.51
CA SER B 151 -25.68 15.02 -6.15
C SER B 151 -26.49 14.20 -5.15
N VAL B 152 -27.79 14.05 -5.43
CA VAL B 152 -28.70 13.41 -4.47
C VAL B 152 -29.61 12.41 -5.16
N GLN B 153 -29.89 11.30 -4.50
CA GLN B 153 -30.98 10.40 -4.89
C GLN B 153 -31.90 10.16 -3.70
N VAL B 154 -33.20 10.33 -3.93
CA VAL B 154 -34.19 10.06 -2.90
C VAL B 154 -35.01 8.88 -3.41
N THR B 155 -34.98 7.78 -2.67
CA THR B 155 -35.60 6.53 -3.15
C THR B 155 -36.72 6.07 -2.24
N LEU B 156 -37.92 5.92 -2.82
CA LEU B 156 -39.06 5.39 -2.11
C LEU B 156 -39.03 3.86 -2.05
N PHE B 157 -39.24 3.33 -0.86
CA PHE B 157 -39.57 1.92 -0.68
C PHE B 157 -41.04 1.87 -0.28
N PRO B 158 -41.95 1.63 -1.24
CA PRO B 158 -43.38 1.84 -0.99
C PRO B 158 -43.87 1.16 0.29
N ASN B 159 -44.54 1.96 1.14
CA ASN B 159 -45.12 1.52 2.40
C ASN B 159 -44.10 1.09 3.46
N GLN B 160 -42.82 1.41 3.23
CA GLN B 160 -41.74 1.00 4.13
C GLN B 160 -40.82 2.15 4.58
N GLY B 161 -40.42 3.00 3.64
CA GLY B 161 -39.55 4.11 3.98
C GLY B 161 -38.89 4.79 2.79
N ILE B 162 -37.81 5.51 3.09
CA ILE B 162 -37.12 6.37 2.13
C ILE B 162 -35.61 6.25 2.39
N ALA B 163 -34.84 6.14 1.31
CA ALA B 163 -33.38 6.27 1.38
C ALA B 163 -32.93 7.56 0.71
N ILE B 164 -32.04 8.29 1.37
CA ILE B 164 -31.45 9.47 0.77
C ILE B 164 -29.99 9.11 0.48
N GLY B 165 -29.63 9.13 -0.79
CA GLY B 165 -28.26 8.86 -1.21
C GLY B 165 -27.59 10.19 -1.53
N ILE B 166 -26.41 10.41 -0.95
CA ILE B 166 -25.66 11.65 -1.18
C ILE B 166 -24.28 11.31 -1.70
N THR B 167 -23.96 11.83 -2.87
CA THR B 167 -22.65 11.62 -3.49
C THR B 167 -21.96 12.97 -3.55
N ASN B 168 -20.67 13.00 -3.21
CA ASN B 168 -19.93 14.24 -3.28
C ASN B 168 -18.48 14.03 -3.65
N HIS B 169 -17.88 15.11 -4.17
CA HIS B 169 -16.45 15.15 -4.43
C HIS B 169 -15.78 15.62 -3.14
N HIS B 170 -14.70 14.96 -2.74
CA HIS B 170 -13.98 15.34 -1.51
C HIS B 170 -13.44 16.78 -1.56
N CYS B 171 -13.21 17.33 -2.75
CA CYS B 171 -12.73 18.73 -2.85
C CYS B 171 -13.74 19.75 -2.33
N LEU B 172 -15.02 19.37 -2.34
CA LEU B 172 -16.07 20.22 -1.78
C LEU B 172 -15.82 20.56 -0.31
N GLY B 173 -15.33 19.57 0.44
CA GLY B 173 -15.10 19.73 1.87
C GLY B 173 -15.06 18.38 2.58
N ASP B 174 -14.79 18.44 3.86
CA ASP B 174 -14.64 17.23 4.65
C ASP B 174 -15.94 16.87 5.36
N ALA B 175 -15.86 15.85 6.22
CA ALA B 175 -17.04 15.39 6.94
C ALA B 175 -17.70 16.54 7.73
N SER B 176 -16.88 17.42 8.32
CA SER B 176 -17.40 18.58 9.07
C SER B 176 -18.23 19.51 8.20
N THR B 177 -17.73 19.77 6.99
CA THR B 177 -18.41 20.59 6.01
C THR B 177 -19.77 19.95 5.62
N ARG B 178 -19.75 18.65 5.38
CA ARG B 178 -20.99 17.93 5.05
C ARG B 178 -22.00 17.95 6.20
N PHE B 179 -21.51 17.82 7.42
CA PHE B 179 -22.36 17.87 8.61
C PHE B 179 -23.02 19.24 8.76
N CYS B 180 -22.23 20.29 8.58
CA CYS B 180 -22.74 21.66 8.62
C CYS B 180 -23.88 21.84 7.63
N PHE B 181 -23.67 21.38 6.39
CA PHE B 181 -24.67 21.47 5.33
C PHE B 181 -25.94 20.68 5.65
N LEU B 182 -25.76 19.43 6.08
CA LEU B 182 -26.91 18.58 6.41
C LEU B 182 -27.70 19.06 7.63
N LYS B 183 -27.02 19.65 8.61
CA LYS B 183 -27.74 20.28 9.74
C LYS B 183 -28.65 21.39 9.26
N ALA B 184 -28.15 22.21 8.33
CA ALA B 184 -28.92 23.30 7.74
C ALA B 184 -30.08 22.77 6.90
N TRP B 185 -29.79 21.85 5.98
CA TRP B 185 -30.82 21.33 5.09
C TRP B 185 -31.98 20.71 5.87
N THR B 186 -31.65 19.88 6.86
CA THR B 186 -32.65 19.18 7.65
C THR B 186 -33.49 20.17 8.47
N SER B 187 -32.83 21.19 9.01
CA SER B 187 -33.51 22.28 9.74
C SER B 187 -34.55 22.96 8.84
N ILE B 188 -34.12 23.31 7.63
CA ILE B 188 -34.98 23.98 6.64
C ILE B 188 -36.15 23.09 6.21
N ALA B 189 -35.88 21.80 6.01
CA ALA B 189 -36.92 20.81 5.70
C ALA B 189 -37.92 20.63 6.85
N ARG B 190 -37.42 20.39 8.05
CA ARG B 190 -38.26 20.17 9.24
C ARG B 190 -39.21 21.32 9.56
N SER B 191 -38.74 22.53 9.32
CA SER B 191 -39.53 23.72 9.64
C SER B 191 -40.40 24.20 8.47
N GLY B 192 -40.68 23.30 7.54
CA GLY B 192 -41.59 23.55 6.44
C GLY B 192 -41.01 24.37 5.31
N ASN B 193 -39.80 24.02 4.90
CA ASN B 193 -39.09 24.72 3.82
C ASN B 193 -38.95 26.21 4.14
N ASN B 194 -38.26 26.47 5.24
CA ASN B 194 -38.13 27.80 5.79
C ASN B 194 -36.80 27.92 6.52
N ASP B 195 -36.03 28.97 6.18
CA ASP B 195 -34.68 29.16 6.73
C ASP B 195 -34.62 30.13 7.92
N GLU B 196 -35.79 30.54 8.40
CA GLU B 196 -35.91 31.45 9.53
C GLU B 196 -35.20 30.90 10.77
N SER B 197 -35.46 29.64 11.10
CA SER B 197 -34.83 29.01 12.25
C SER B 197 -33.33 28.77 12.07
N PHE B 198 -32.92 28.37 10.86
CA PHE B 198 -31.50 28.23 10.54
C PHE B 198 -30.74 29.55 10.70
N LEU B 199 -31.28 30.62 10.13
CA LEU B 199 -30.63 31.93 10.18
C LEU B 199 -30.51 32.51 11.59
N ALA B 200 -31.50 32.21 12.43
CA ALA B 200 -31.54 32.69 13.80
C ALA B 200 -30.69 31.84 14.75
N ASN B 201 -30.73 30.52 14.57
CA ASN B 201 -30.19 29.59 15.56
C ASN B 201 -29.09 28.64 15.04
N GLY B 202 -29.02 28.47 13.73
CA GLY B 202 -28.11 27.49 13.13
C GLY B 202 -26.69 27.98 12.92
N THR B 203 -25.80 27.05 12.59
CA THR B 203 -24.40 27.36 12.36
C THR B 203 -24.18 27.66 10.87
N ARG B 204 -23.81 28.90 10.57
CA ARG B 204 -23.61 29.33 9.19
C ARG B 204 -22.20 28.98 8.75
N PRO B 205 -22.02 28.60 7.48
CA PRO B 205 -20.68 28.30 6.97
C PRO B 205 -19.80 29.54 6.94
N LEU B 206 -18.52 29.36 7.24
CA LEU B 206 -17.52 30.43 7.21
C LEU B 206 -16.69 30.28 5.94
N TYR B 207 -16.90 31.17 4.98
CA TYR B 207 -16.19 31.10 3.70
C TYR B 207 -14.87 31.86 3.68
N ASP B 208 -14.58 32.62 4.75
CA ASP B 208 -13.31 33.34 4.87
C ASP B 208 -12.15 32.39 4.66
N ARG B 209 -11.19 32.80 3.83
CA ARG B 209 -10.04 31.96 3.54
C ARG B 209 -8.94 32.17 4.57
N ILE B 210 -9.15 31.56 5.74
CA ILE B 210 -8.29 31.76 6.90
C ILE B 210 -7.08 30.82 6.96
N ILE B 211 -7.03 29.87 6.03
CA ILE B 211 -5.87 28.99 5.87
C ILE B 211 -5.07 29.47 4.66
N LYS B 212 -3.96 30.16 4.93
CA LYS B 212 -3.15 30.79 3.88
C LYS B 212 -1.70 30.28 3.95
N TYR B 213 -1.41 29.22 3.21
CA TYR B 213 -0.07 28.65 3.08
C TYR B 213 0.23 28.38 1.61
N PRO B 214 0.56 29.43 0.83
CA PRO B 214 0.69 29.36 -0.64
C PRO B 214 1.75 28.39 -1.15
N MSE B 215 2.84 28.22 -0.40
CA MSE B 215 3.90 27.27 -0.73
C MSE B 215 3.40 25.82 -0.66
O MSE B 215 3.70 25.02 -1.55
CB MSE B 215 5.11 27.47 0.21
CG MSE B 215 6.22 26.42 0.07
SE MSE B 215 7.63 26.93 -1.21
CE MSE B 215 8.52 25.17 -1.45
N LEU B 216 2.66 25.51 0.40
CA LEU B 216 2.03 24.20 0.55
C LEU B 216 1.00 23.95 -0.56
N ASP B 217 0.22 24.98 -0.87
CA ASP B 217 -0.75 24.94 -1.97
C ASP B 217 -0.12 24.40 -3.27
N GLU B 218 1.01 24.97 -3.68
CA GLU B 218 1.65 24.59 -4.95
C GLU B 218 2.37 23.24 -4.91
N ALA B 219 2.85 22.86 -3.73
CA ALA B 219 3.48 21.55 -3.53
C ALA B 219 2.43 20.44 -3.65
N TYR B 220 1.25 20.67 -3.10
CA TYR B 220 0.18 19.67 -3.10
C TYR B 220 -0.46 19.44 -4.47
N LEU B 221 -0.53 20.49 -5.27
CA LEU B 221 -0.98 20.40 -6.66
C LEU B 221 -0.05 19.58 -7.54
N LYS B 222 1.27 19.74 -7.30
CA LYS B 222 2.28 18.99 -8.04
C LYS B 222 2.12 17.49 -7.79
N ARG B 223 1.91 17.11 -6.53
CA ARG B 223 1.71 15.72 -6.13
C ARG B 223 0.46 15.12 -6.77
N ALA B 224 -0.57 15.95 -6.95
CA ALA B 224 -1.83 15.51 -7.56
C ALA B 224 -1.84 15.74 -9.07
N LYS B 225 -0.65 15.99 -9.63
CA LYS B 225 -0.42 16.15 -11.08
C LYS B 225 -1.50 16.91 -11.87
N VAL B 226 -1.46 18.24 -11.81
CA VAL B 226 -2.56 19.08 -12.32
C VAL B 226 -2.59 19.29 -13.83
N GLU B 227 -1.43 19.35 -14.50
CA GLU B 227 -1.44 19.65 -15.94
C GLU B 227 -1.94 18.49 -16.80
N SER B 228 -1.98 17.29 -16.24
CA SER B 228 -2.55 16.15 -16.95
C SER B 228 -3.95 15.80 -16.42
N PHE B 229 -4.47 16.59 -15.48
CA PHE B 229 -5.76 16.31 -14.86
C PHE B 229 -6.89 16.14 -15.88
N ASN B 230 -7.06 17.13 -16.75
CA ASN B 230 -8.10 17.08 -17.79
C ASN B 230 -8.04 15.81 -18.62
N GLU B 231 -6.83 15.44 -19.08
CA GLU B 231 -6.68 14.25 -19.90
C GLU B 231 -6.91 12.97 -19.11
N ASP B 232 -6.61 13.01 -17.81
CA ASP B 232 -6.69 11.82 -16.94
C ASP B 232 -8.06 11.60 -16.32
N TYR B 233 -8.84 12.67 -16.15
CA TYR B 233 -10.09 12.55 -15.37
C TYR B 233 -11.08 11.60 -16.03
N VAL B 234 -11.51 10.60 -15.28
CA VAL B 234 -12.57 9.69 -15.73
C VAL B 234 -13.58 9.44 -14.60
N THR B 235 -14.81 9.12 -14.96
CA THR B 235 -15.86 8.79 -13.97
C THR B 235 -15.55 7.48 -13.23
N GLN B 236 -15.98 7.40 -11.96
CA GLN B 236 -15.65 6.26 -11.09
C GLN B 236 -16.85 5.77 -10.29
N SER B 237 -17.95 5.54 -11.00
CA SER B 237 -19.20 5.09 -10.38
C SER B 237 -19.11 3.62 -9.99
N LEU B 238 -19.79 3.25 -8.90
CA LEU B 238 -19.81 1.85 -8.48
C LEU B 238 -20.91 1.11 -9.23
N ALA B 239 -20.59 -0.10 -9.70
CA ALA B 239 -21.57 -0.95 -10.36
C ALA B 239 -21.32 -2.42 -10.10
N GLY B 240 -22.40 -3.19 -10.01
CA GLY B 240 -22.30 -4.62 -9.85
C GLY B 240 -22.18 -5.33 -11.19
N PRO B 241 -22.38 -6.65 -11.21
CA PRO B 241 -22.60 -7.49 -10.02
C PRO B 241 -21.32 -7.74 -9.23
N SER B 242 -21.47 -8.13 -7.97
CA SER B 242 -20.36 -8.43 -7.06
C SER B 242 -20.73 -9.54 -6.07
N ASP B 243 -19.74 -10.32 -5.65
CA ASP B 243 -19.92 -11.35 -4.60
C ASP B 243 -19.76 -10.78 -3.19
N LYS B 244 -19.39 -9.51 -3.08
CA LYS B 244 -19.03 -8.94 -1.79
C LYS B 244 -20.24 -8.70 -0.90
N LEU B 245 -20.02 -8.84 0.40
CA LEU B 245 -21.06 -8.65 1.41
C LEU B 245 -20.72 -7.49 2.34
N ARG B 246 -21.76 -6.82 2.83
CA ARG B 246 -21.65 -5.65 3.67
C ARG B 246 -22.26 -5.98 5.03
N ALA B 247 -21.50 -5.75 6.10
CA ALA B 247 -22.02 -5.94 7.45
C ALA B 247 -21.63 -4.79 8.35
N THR B 248 -22.35 -4.67 9.45
CA THR B 248 -22.08 -3.62 10.42
C THR B 248 -21.80 -4.28 11.76
N PHE B 249 -20.63 -3.94 12.35
CA PHE B 249 -20.20 -4.53 13.60
C PHE B 249 -20.28 -3.50 14.71
N ILE B 250 -20.88 -3.90 15.82
CA ILE B 250 -21.12 -2.99 16.93
C ILE B 250 -20.15 -3.21 18.07
N LEU B 251 -19.48 -2.13 18.46
CA LEU B 251 -18.73 -2.09 19.71
C LEU B 251 -19.44 -1.16 20.68
N THR B 252 -20.07 -1.76 21.69
CA THR B 252 -20.83 -1.00 22.69
C THR B 252 -19.89 -0.25 23.63
N ARG B 253 -20.42 0.81 24.26
CA ARG B 253 -19.71 1.55 25.31
C ARG B 253 -19.08 0.60 26.34
N ALA B 254 -19.85 -0.38 26.78
CA ALA B 254 -19.42 -1.31 27.82
C ALA B 254 -18.25 -2.19 27.39
N VAL B 255 -18.35 -2.74 26.18
CA VAL B 255 -17.26 -3.51 25.57
C VAL B 255 -16.01 -2.65 25.34
N ILE B 256 -16.20 -1.44 24.84
CA ILE B 256 -15.09 -0.52 24.61
C ILE B 256 -14.34 -0.19 25.90
N ASN B 257 -15.10 0.02 26.98
CA ASN B 257 -14.49 0.29 28.28
C ASN B 257 -13.70 -0.90 28.81
N GLN B 258 -14.23 -2.11 28.63
CA GLN B 258 -13.52 -3.34 29.01
C GLN B 258 -12.23 -3.50 28.21
N LEU B 259 -12.30 -3.26 26.90
CA LEU B 259 -11.12 -3.30 26.03
C LEU B 259 -10.09 -2.28 26.48
N LYS B 260 -10.56 -1.06 26.75
CA LYS B 260 -9.72 0.06 27.17
C LYS B 260 -9.01 -0.25 28.49
N ASP B 261 -9.75 -0.86 29.41
CA ASP B 261 -9.20 -1.24 30.72
C ASP B 261 -8.09 -2.27 30.59
N ARG B 262 -8.27 -3.22 29.67
CA ARG B 262 -7.26 -4.21 29.35
C ARG B 262 -5.97 -3.56 28.80
N VAL B 263 -6.12 -2.60 27.90
CA VAL B 263 -4.99 -1.82 27.37
C VAL B 263 -4.24 -1.05 28.48
N LEU B 264 -4.99 -0.33 29.31
CA LEU B 264 -4.39 0.47 30.39
C LEU B 264 -3.71 -0.40 31.45
N ALA B 265 -4.26 -1.59 31.69
CA ALA B 265 -3.69 -2.51 32.66
C ALA B 265 -2.37 -3.10 32.18
N GLN B 266 -2.31 -3.47 30.90
CA GLN B 266 -1.10 -4.08 30.34
C GLN B 266 -0.05 -3.06 29.91
N LEU B 267 -0.52 -1.88 29.49
CA LEU B 267 0.37 -0.82 29.04
C LEU B 267 0.09 0.47 29.81
N PRO B 268 0.54 0.53 31.08
CA PRO B 268 0.11 1.62 31.95
C PRO B 268 0.69 2.99 31.63
N THR B 269 1.72 3.05 30.79
CA THR B 269 2.31 4.33 30.39
C THR B 269 2.09 4.69 28.93
N LEU B 270 1.21 3.95 28.25
CA LEU B 270 0.84 4.28 26.87
C LEU B 270 0.19 5.67 26.88
N GLU B 271 0.78 6.59 26.13
CA GLU B 271 0.42 8.00 26.26
C GLU B 271 -0.93 8.38 25.64
N TYR B 272 -1.44 7.58 24.71
CA TYR B 272 -2.74 7.87 24.11
C TYR B 272 -3.62 6.65 23.98
N VAL B 273 -4.76 6.70 24.67
CA VAL B 273 -5.77 5.64 24.60
C VAL B 273 -7.15 6.30 24.59
N SER B 274 -7.94 6.04 23.56
CA SER B 274 -9.31 6.54 23.49
C SER B 274 -10.27 5.45 23.04
N SER B 275 -11.58 5.73 23.14
CA SER B 275 -12.58 4.81 22.61
C SER B 275 -12.30 4.51 21.15
N PHE B 276 -11.94 5.55 20.40
CA PHE B 276 -11.66 5.38 18.97
C PHE B 276 -10.44 4.52 18.69
N THR B 277 -9.33 4.78 19.38
CA THR B 277 -8.11 3.98 19.15
C THR B 277 -8.32 2.51 19.54
N VAL B 278 -9.09 2.28 20.60
CA VAL B 278 -9.40 0.92 21.05
C VAL B 278 -10.28 0.20 20.00
N ALA B 279 -11.28 0.89 19.47
CA ALA B 279 -12.13 0.32 18.43
C ALA B 279 -11.31 -0.03 17.19
N CYS B 280 -10.48 0.92 16.75
CA CYS B 280 -9.55 0.71 15.65
C CYS B 280 -8.64 -0.48 15.90
N ALA B 281 -8.09 -0.56 17.11
CA ALA B 281 -7.18 -1.64 17.47
C ALA B 281 -7.87 -3.00 17.41
N TYR B 282 -9.11 -3.05 17.91
CA TYR B 282 -9.87 -4.30 17.86
C TYR B 282 -10.17 -4.74 16.43
N ILE B 283 -10.69 -3.82 15.61
CA ILE B 283 -11.00 -4.17 14.23
C ILE B 283 -9.74 -4.52 13.42
N TRP B 284 -8.65 -3.83 13.71
CA TRP B 284 -7.41 -4.12 13.03
C TRP B 284 -6.96 -5.55 13.38
N SER B 285 -7.05 -5.92 14.65
CA SER B 285 -6.71 -7.29 15.06
C SER B 285 -7.59 -8.32 14.33
N CYS B 286 -8.88 -8.01 14.18
CA CYS B 286 -9.79 -8.89 13.43
C CYS B 286 -9.38 -9.01 11.96
N ILE B 287 -9.02 -7.87 11.35
CA ILE B 287 -8.58 -7.86 9.94
C ILE B 287 -7.31 -8.71 9.76
N ALA B 288 -6.40 -8.61 10.73
CA ALA B 288 -5.16 -9.38 10.74
C ALA B 288 -5.44 -10.90 10.76
N LYS B 289 -6.31 -11.32 11.68
CA LYS B 289 -6.71 -12.74 11.77
C LYS B 289 -7.43 -13.22 10.50
N SER B 290 -8.31 -12.38 9.96
CA SER B 290 -9.04 -12.66 8.72
C SER B 290 -8.13 -12.88 7.51
N ARG B 291 -7.12 -12.04 7.38
CA ARG B 291 -6.25 -12.05 6.21
C ARG B 291 -5.17 -13.10 6.31
N ASN B 292 -4.65 -13.30 7.52
CA ASN B 292 -3.51 -14.20 7.78
C ASN B 292 -2.41 -13.96 6.74
N ASP B 293 -2.12 -12.68 6.52
CA ASP B 293 -1.16 -12.24 5.52
C ASP B 293 0.18 -11.93 6.18
N LYS B 294 0.92 -10.96 5.65
CA LYS B 294 2.31 -10.72 6.08
C LYS B 294 2.50 -9.42 6.82
N LEU B 295 2.09 -8.32 6.20
CA LEU B 295 2.39 -6.98 6.70
C LEU B 295 1.22 -6.05 6.42
N GLN B 296 0.79 -5.30 7.44
CA GLN B 296 -0.43 -4.49 7.34
C GLN B 296 -0.25 -3.02 7.69
N LEU B 297 -0.97 -2.17 6.97
CA LEU B 297 -1.07 -0.75 7.31
C LEU B 297 -2.51 -0.46 7.71
N PHE B 298 -2.69 0.34 8.75
CA PHE B 298 -4.01 0.77 9.19
C PHE B 298 -3.92 2.26 9.49
N GLY B 299 -4.85 3.03 8.93
CA GLY B 299 -4.81 4.48 9.11
C GLY B 299 -6.19 5.09 9.17
N PHE B 300 -6.25 6.38 9.52
CA PHE B 300 -7.52 7.09 9.67
C PHE B 300 -7.29 8.60 9.57
N PRO B 301 -8.35 9.35 9.19
CA PRO B 301 -8.29 10.81 9.16
C PRO B 301 -8.42 11.44 10.54
N ILE B 302 -7.95 12.69 10.63
CA ILE B 302 -8.02 13.49 11.84
C ILE B 302 -8.53 14.86 11.43
N ASP B 303 -9.61 15.33 12.06
CA ASP B 303 -10.08 16.70 11.88
C ASP B 303 -9.06 17.63 12.57
N ARG B 304 -8.41 18.46 11.77
CA ARG B 304 -7.32 19.30 12.25
C ARG B 304 -7.72 20.67 12.78
N ARG B 305 -8.98 21.06 12.57
CA ARG B 305 -9.44 22.44 12.86
C ARG B 305 -8.99 22.98 14.23
N ALA B 306 -9.39 22.29 15.29
CA ALA B 306 -9.11 22.72 16.67
C ALA B 306 -7.63 22.66 17.02
N ARG B 307 -6.88 21.87 16.25
CA ARG B 307 -5.46 21.65 16.51
C ARG B 307 -4.55 22.59 15.71
N MSE B 308 -5.15 23.39 14.83
CA MSE B 308 -4.42 24.39 14.05
C MSE B 308 -3.87 25.48 14.96
O MSE B 308 -4.38 25.69 16.06
CB MSE B 308 -5.31 25.02 12.97
CG MSE B 308 -5.79 24.06 11.90
SE MSE B 308 -4.38 23.54 10.66
CE MSE B 308 -4.52 25.03 9.38
N LYS B 309 -2.82 26.17 14.50
CA LYS B 309 -2.25 27.28 15.24
C LYS B 309 -2.27 28.57 14.40
N PRO B 310 -3.22 29.47 14.69
CA PRO B 310 -4.30 29.37 15.69
C PRO B 310 -5.44 28.45 15.24
N PRO B 311 -6.31 28.02 16.18
CA PRO B 311 -7.42 27.13 15.84
C PRO B 311 -8.37 27.65 14.77
N ILE B 312 -8.87 26.74 13.93
CA ILE B 312 -9.82 27.04 12.87
C ILE B 312 -11.24 26.79 13.41
N PRO B 313 -12.15 27.77 13.25
CA PRO B 313 -13.54 27.58 13.68
C PRO B 313 -14.17 26.34 13.06
N THR B 314 -15.02 25.67 13.82
CA THR B 314 -15.69 24.45 13.35
C THR B 314 -16.42 24.69 12.02
N ALA B 315 -17.00 25.87 11.87
CA ALA B 315 -17.83 26.22 10.71
C ALA B 315 -17.04 26.54 9.44
N TYR B 316 -15.71 26.57 9.54
CA TYR B 316 -14.86 26.79 8.38
C TYR B 316 -15.28 25.86 7.24
N PHE B 317 -15.54 26.45 6.07
CA PHE B 317 -16.00 25.66 4.93
C PHE B 317 -14.85 25.14 4.08
N GLY B 318 -14.79 23.82 3.95
CA GLY B 318 -13.79 23.17 3.11
C GLY B 318 -13.12 22.03 3.84
N ASN B 319 -11.97 21.59 3.32
CA ASN B 319 -11.20 20.50 3.93
C ASN B 319 -10.20 21.04 4.95
N CYS B 320 -10.15 20.38 6.11
CA CYS B 320 -9.10 20.62 7.10
C CYS B 320 -8.88 19.30 7.82
N VAL B 321 -8.25 18.36 7.11
CA VAL B 321 -8.05 17.02 7.63
C VAL B 321 -6.61 16.57 7.55
N GLY B 322 -6.20 15.81 8.56
CA GLY B 322 -4.89 15.18 8.60
C GLY B 322 -5.08 13.67 8.59
N GLY B 323 -4.01 12.94 8.86
CA GLY B 323 -4.08 11.50 8.87
C GLY B 323 -3.03 10.88 9.76
N CYS B 324 -3.27 9.63 10.15
CA CYS B 324 -2.36 8.91 10.99
C CYS B 324 -2.41 7.46 10.55
N ALA B 325 -1.24 6.81 10.49
CA ALA B 325 -1.22 5.40 10.14
C ALA B 325 -0.22 4.64 10.99
N ALA B 326 -0.41 3.33 11.05
CA ALA B 326 0.51 2.43 11.70
C ALA B 326 0.75 1.22 10.80
N ILE B 327 1.94 0.62 10.92
CA ILE B 327 2.31 -0.57 10.16
C ILE B 327 2.82 -1.63 11.13
N ALA B 328 2.36 -2.87 10.94
CA ALA B 328 2.83 -3.98 11.77
C ALA B 328 2.75 -5.29 11.02
N LYS B 329 3.65 -6.21 11.38
CA LYS B 329 3.60 -7.57 10.87
C LYS B 329 2.30 -8.21 11.36
N THR B 330 1.62 -8.92 10.45
CA THR B 330 0.33 -9.54 10.76
C THR B 330 0.37 -10.47 11.99
N ASN B 331 1.41 -11.29 12.09
CA ASN B 331 1.53 -12.21 13.22
C ASN B 331 1.56 -11.50 14.59
N LEU B 332 1.98 -10.23 14.59
CA LEU B 332 1.97 -9.44 15.82
C LEU B 332 0.62 -8.81 16.16
N LEU B 333 -0.34 -8.92 15.24
CA LEU B 333 -1.65 -8.27 15.37
C LEU B 333 -2.79 -9.23 15.75
N ILE B 334 -2.52 -10.52 15.73
CA ILE B 334 -3.55 -11.53 15.93
C ILE B 334 -3.75 -11.86 17.41
N GLY B 335 -5.00 -12.07 17.81
CA GLY B 335 -5.34 -12.54 19.15
C GLY B 335 -5.37 -11.47 20.22
N LYS B 336 -5.50 -11.91 21.47
CA LYS B 336 -5.57 -10.97 22.61
C LYS B 336 -4.34 -10.08 22.70
N GLU B 337 -3.16 -10.67 22.52
CA GLU B 337 -1.93 -9.86 22.55
C GLU B 337 -1.83 -8.96 21.33
N GLY B 338 -2.38 -9.42 20.20
CA GLY B 338 -2.40 -8.62 18.98
C GLY B 338 -3.21 -7.35 19.12
N PHE B 339 -4.35 -7.45 19.81
CA PHE B 339 -5.18 -6.28 20.07
C PHE B 339 -4.42 -5.23 20.89
N ILE B 340 -3.69 -5.71 21.90
CA ILE B 340 -2.86 -4.84 22.75
C ILE B 340 -1.78 -4.14 21.91
N THR B 341 -1.06 -4.92 21.11
CA THR B 341 -0.03 -4.38 20.24
C THR B 341 -0.63 -3.34 19.29
N ALA B 342 -1.79 -3.65 18.71
CA ALA B 342 -2.47 -2.71 17.80
C ALA B 342 -2.79 -1.39 18.49
N ALA B 343 -3.26 -1.49 19.74
CA ALA B 343 -3.65 -0.31 20.50
C ALA B 343 -2.42 0.53 20.82
N LYS B 344 -1.32 -0.15 21.10
CA LYS B 344 -0.04 0.51 21.37
C LYS B 344 0.45 1.28 20.15
N LEU B 345 0.48 0.62 19.00
CA LEU B 345 1.01 1.24 17.78
C LEU B 345 0.15 2.40 17.31
N ILE B 346 -1.17 2.22 17.34
CA ILE B 346 -2.09 3.31 17.03
C ILE B 346 -1.90 4.49 18.01
N GLY B 347 -1.93 4.18 19.30
CA GLY B 347 -1.70 5.20 20.35
C GLY B 347 -0.39 5.96 20.20
N GLU B 348 0.71 5.23 20.02
CA GLU B 348 2.01 5.87 19.83
C GLU B 348 2.04 6.80 18.61
N ASN B 349 1.55 6.29 17.47
CA ASN B 349 1.60 7.06 16.24
C ASN B 349 0.69 8.27 16.27
N LEU B 350 -0.48 8.11 16.88
CA LEU B 350 -1.42 9.22 17.03
C LEU B 350 -0.87 10.29 17.96
N HIS B 351 -0.24 9.85 19.05
CA HIS B 351 0.41 10.80 19.97
C HIS B 351 1.46 11.62 19.24
N LYS B 352 2.30 10.95 18.46
CA LYS B 352 3.32 11.59 17.65
C LYS B 352 2.70 12.62 16.68
N THR B 353 1.67 12.19 15.94
CA THR B 353 0.98 13.07 15.00
C THR B 353 0.40 14.32 15.66
N LEU B 354 -0.28 14.15 16.79
CA LEU B 354 -0.92 15.26 17.48
C LEU B 354 0.11 16.22 18.09
N THR B 355 1.24 15.69 18.55
CA THR B 355 2.32 16.55 19.05
C THR B 355 2.88 17.42 17.92
N ASP B 356 3.09 16.83 16.75
CA ASP B 356 3.50 17.57 15.56
C ASP B 356 2.54 18.72 15.22
N TYR B 357 1.24 18.48 15.33
CA TYR B 357 0.22 19.52 15.11
C TYR B 357 0.37 20.67 16.10
N LYS B 358 0.64 20.32 17.37
CA LYS B 358 0.85 21.31 18.42
C LYS B 358 2.08 22.16 18.15
N ASP B 359 3.09 21.54 17.54
CA ASP B 359 4.29 22.24 17.13
C ASP B 359 4.09 23.01 15.81
N GLY B 360 2.90 22.91 15.25
CA GLY B 360 2.52 23.66 14.05
C GLY B 360 2.98 23.05 12.74
N VAL B 361 3.32 21.77 12.75
CA VAL B 361 3.74 21.06 11.54
C VAL B 361 2.53 20.77 10.65
N LEU B 362 2.52 21.36 9.46
CA LEU B 362 1.37 21.27 8.55
C LEU B 362 1.47 20.13 7.54
N LYS B 363 2.69 19.89 7.03
CA LYS B 363 2.95 18.82 6.08
C LYS B 363 2.80 17.44 6.74
N ASP B 364 2.52 16.43 5.91
CA ASP B 364 2.28 15.05 6.36
C ASP B 364 1.16 14.97 7.41
N ASN B 370 7.69 5.80 -1.95
CA ASN B 370 8.52 4.59 -1.96
C ASN B 370 9.34 4.37 -0.68
N ASP B 371 8.85 4.97 0.41
CA ASP B 371 9.26 4.61 1.75
C ASP B 371 8.92 3.13 1.94
N LEU B 372 7.77 2.73 1.40
CA LEU B 372 7.29 1.35 1.47
C LEU B 372 8.07 0.37 0.60
N VAL B 373 8.48 0.81 -0.60
CA VAL B 373 9.26 -0.09 -1.46
C VAL B 373 10.51 -0.58 -0.72
N SER B 374 11.18 0.32 -0.02
CA SER B 374 12.35 -0.02 0.75
C SER B 374 12.01 -0.79 2.03
N GLU B 375 11.14 -0.23 2.85
CA GLU B 375 10.88 -0.77 4.19
C GLU B 375 10.05 -2.05 4.18
N GLY B 376 9.21 -2.19 3.16
CA GLY B 376 8.40 -3.39 2.96
C GLY B 376 6.99 -3.06 2.55
N MSE B 377 6.54 -3.67 1.45
CA MSE B 377 5.20 -3.47 0.91
C MSE B 377 4.14 -4.17 1.76
O MSE B 377 4.22 -5.39 1.94
CB MSE B 377 5.09 -4.04 -0.52
CG MSE B 377 6.03 -3.42 -1.54
SE MSE B 377 5.62 -1.55 -1.81
CE MSE B 377 3.81 -1.71 -2.08
N PRO B 378 3.15 -3.42 2.29
CA PRO B 378 2.04 -4.08 2.98
C PRO B 378 1.18 -4.96 2.09
N THR B 379 0.81 -6.12 2.61
CA THR B 379 -0.08 -7.04 1.92
C THR B 379 -1.56 -6.73 2.19
N THR B 380 -1.84 -5.89 3.20
CA THR B 380 -3.18 -5.34 3.41
C THR B 380 -3.02 -3.89 3.87
N MSE B 381 -3.87 -3.01 3.33
CA MSE B 381 -3.96 -1.62 3.80
C MSE B 381 -5.42 -1.26 4.05
O MSE B 381 -6.28 -1.55 3.21
CB MSE B 381 -3.35 -0.67 2.79
CG MSE B 381 -2.07 -1.18 2.16
SE MSE B 381 -1.45 0.10 0.87
CE MSE B 381 -0.40 1.14 2.07
N THR B 382 -5.68 -0.65 5.18
CA THR B 382 -7.05 -0.27 5.57
C THR B 382 -7.04 1.20 6.02
N TRP B 383 -7.92 2.01 5.44
CA TRP B 383 -8.06 3.41 5.83
C TRP B 383 -9.50 3.69 6.27
N VAL B 384 -9.64 4.20 7.49
CA VAL B 384 -10.96 4.45 8.06
C VAL B 384 -11.66 5.62 7.38
N SER B 385 -12.92 5.41 7.00
CA SER B 385 -13.82 6.50 6.67
C SER B 385 -14.73 6.75 7.87
N GLY B 386 -14.83 8.00 8.33
CA GLY B 386 -15.74 8.29 9.41
C GLY B 386 -15.16 9.14 10.52
N THR B 387 -16.04 9.86 11.19
CA THR B 387 -15.71 10.71 12.32
C THR B 387 -16.84 10.50 13.32
N PRO B 388 -16.65 9.60 14.29
CA PRO B 388 -17.67 9.29 15.29
C PRO B 388 -18.21 10.52 16.03
N LYS B 389 -17.41 11.57 16.12
CA LYS B 389 -17.84 12.79 16.83
C LYS B 389 -18.99 13.53 16.14
N LEU B 390 -19.12 13.34 14.83
CA LEU B 390 -20.20 13.96 14.07
C LEU B 390 -21.41 13.04 14.01
N ARG B 391 -22.53 13.52 14.53
CA ARG B 391 -23.73 12.73 14.71
C ARG B 391 -24.62 12.73 13.47
N PHE B 392 -24.14 12.09 12.39
CA PHE B 392 -24.97 11.94 11.18
C PHE B 392 -26.26 11.13 11.47
N TYR B 393 -26.25 10.32 12.53
CA TYR B 393 -27.47 9.59 12.93
C TYR B 393 -28.59 10.50 13.50
N ASP B 394 -28.31 11.79 13.64
CA ASP B 394 -29.31 12.73 14.13
C ASP B 394 -30.03 13.49 13.00
N MSE B 395 -29.65 13.21 11.76
CA MSE B 395 -30.15 13.97 10.60
C MSE B 395 -31.62 13.63 10.33
O MSE B 395 -31.94 12.53 9.90
CB MSE B 395 -29.29 13.75 9.36
CG MSE B 395 -27.83 14.25 9.49
SE MSE B 395 -27.67 16.14 10.02
CE MSE B 395 -27.59 15.99 12.03
N ASP B 396 -32.49 14.61 10.58
CA ASP B 396 -33.93 14.40 10.55
C ASP B 396 -34.59 15.42 9.61
N PHE B 397 -35.11 14.92 8.50
CA PHE B 397 -35.74 15.75 7.46
C PHE B 397 -37.22 16.03 7.75
N GLY B 398 -37.72 15.47 8.85
CA GLY B 398 -39.12 15.57 9.23
C GLY B 398 -39.79 14.23 9.49
N TRP B 399 -39.11 13.14 9.13
CA TRP B 399 -39.68 11.78 9.26
C TRP B 399 -39.12 11.02 10.45
N GLY B 400 -38.25 11.68 11.21
CA GLY B 400 -37.51 11.02 12.29
C GLY B 400 -36.06 10.79 11.91
N LYS B 401 -35.28 10.30 12.88
CA LYS B 401 -33.86 10.05 12.68
C LYS B 401 -33.67 8.79 11.84
N PRO B 402 -32.50 8.64 11.20
CA PRO B 402 -32.27 7.49 10.33
C PRO B 402 -32.28 6.17 11.07
N LYS B 403 -32.85 5.14 10.43
CA LYS B 403 -32.73 3.78 10.90
C LYS B 403 -31.30 3.27 10.72
N LYS B 404 -30.69 3.60 9.58
CA LYS B 404 -29.37 3.08 9.26
C LYS B 404 -28.59 4.02 8.36
N LEU B 405 -27.29 4.13 8.61
CA LEU B 405 -26.37 4.81 7.72
C LEU B 405 -25.47 3.79 7.05
N GLU B 406 -25.14 4.02 5.78
CA GLU B 406 -24.10 3.22 5.11
C GLU B 406 -23.18 4.15 4.32
N THR B 407 -21.87 3.92 4.42
CA THR B 407 -20.92 4.56 3.53
C THR B 407 -20.59 3.54 2.45
N VAL B 408 -21.25 3.72 1.31
CA VAL B 408 -21.19 2.80 0.19
C VAL B 408 -19.80 2.82 -0.47
N SER B 409 -19.13 3.97 -0.42
CA SER B 409 -17.87 4.13 -1.16
C SER B 409 -16.67 3.37 -0.57
N ILE B 410 -16.82 2.76 0.62
CA ILE B 410 -15.74 1.91 1.16
C ILE B 410 -15.53 0.65 0.30
N ASP B 411 -16.50 0.34 -0.58
CA ASP B 411 -16.42 -0.82 -1.48
C ASP B 411 -15.30 -0.72 -2.53
N HIS B 412 -14.87 0.51 -2.82
CA HIS B 412 -13.89 0.85 -3.86
C HIS B 412 -12.45 0.36 -3.57
N ASN B 413 -12.08 0.36 -2.30
CA ASN B 413 -10.67 0.25 -1.92
C ASN B 413 -10.51 -0.18 -0.46
N GLY B 414 -9.27 -0.15 0.04
CA GLY B 414 -8.99 -0.60 1.39
C GLY B 414 -9.53 0.35 2.44
N ALA B 415 -10.78 0.12 2.83
CA ALA B 415 -11.51 1.06 3.67
C ALA B 415 -12.58 0.36 4.49
N ILE B 416 -12.80 0.88 5.70
CA ILE B 416 -13.92 0.53 6.56
C ILE B 416 -14.52 1.82 7.08
N SER B 417 -15.78 1.76 7.52
CA SER B 417 -16.40 2.95 8.09
C SER B 417 -16.53 2.79 9.61
N ILE B 418 -16.30 3.88 10.34
CA ILE B 418 -16.50 3.89 11.80
C ILE B 418 -17.27 5.14 12.16
N ASN B 419 -18.46 4.93 12.74
CA ASN B 419 -19.34 6.03 13.13
C ASN B 419 -20.00 5.73 14.46
N SER B 420 -20.56 6.75 15.09
CA SER B 420 -21.35 6.53 16.30
C SER B 420 -22.67 5.87 15.92
N CYS B 421 -23.38 5.37 16.92
CA CYS B 421 -24.68 4.76 16.72
C CYS B 421 -25.80 5.77 17.03
N LYS B 422 -27.03 5.33 16.92
CA LYS B 422 -28.20 6.21 17.09
C LYS B 422 -28.89 6.07 18.44
N GLU B 423 -29.01 4.83 18.91
CA GLU B 423 -29.56 4.56 20.25
C GLU B 423 -28.54 4.95 21.32
N SER B 424 -27.27 4.98 20.93
CA SER B 424 -26.19 5.48 21.80
C SER B 424 -25.04 6.13 21.03
N ASN B 425 -24.69 7.35 21.45
CA ASN B 425 -23.54 8.07 20.88
C ASN B 425 -22.20 7.57 21.44
N GLU B 426 -22.26 6.72 22.46
CA GLU B 426 -21.03 6.14 23.02
C GLU B 426 -20.69 4.76 22.43
N ASP B 427 -21.61 4.20 21.65
CA ASP B 427 -21.39 2.96 20.93
C ASP B 427 -20.84 3.26 19.52
N LEU B 428 -20.05 2.34 18.98
CA LEU B 428 -19.49 2.49 17.64
C LEU B 428 -19.99 1.43 16.66
N GLU B 429 -20.27 1.87 15.44
CA GLU B 429 -20.70 1.02 14.32
C GLU B 429 -19.57 0.99 13.31
N ILE B 430 -19.12 -0.23 12.95
CA ILE B 430 -18.04 -0.42 11.97
C ILE B 430 -18.60 -1.10 10.73
N GLY B 431 -18.53 -0.43 9.58
CA GLY B 431 -19.01 -1.00 8.32
C GLY B 431 -17.89 -1.63 7.50
N VAL B 432 -18.12 -2.84 7.01
CA VAL B 432 -17.13 -3.60 6.23
C VAL B 432 -17.83 -4.13 4.97
N CYS B 433 -17.16 -4.06 3.84
CA CYS B 433 -17.61 -4.75 2.63
C CYS B 433 -16.47 -5.61 2.12
N ILE B 434 -16.62 -6.93 2.24
CA ILE B 434 -15.59 -7.87 1.81
C ILE B 434 -16.20 -9.07 1.09
N SER B 435 -15.37 -9.80 0.36
CA SER B 435 -15.86 -10.94 -0.41
C SER B 435 -16.62 -11.94 0.47
N ALA B 436 -17.63 -12.58 -0.13
CA ALA B 436 -18.49 -13.52 0.59
C ALA B 436 -17.69 -14.60 1.32
N THR B 437 -16.62 -15.06 0.66
CA THR B 437 -15.74 -16.10 1.19
C THR B 437 -15.11 -15.69 2.53
N GLN B 438 -14.72 -14.42 2.63
CA GLN B 438 -14.03 -13.91 3.82
C GLN B 438 -14.96 -13.38 4.92
N MSE B 439 -16.20 -13.06 4.54
CA MSE B 439 -17.17 -12.53 5.50
C MSE B 439 -17.54 -13.51 6.62
O MSE B 439 -17.55 -13.13 7.79
CB MSE B 439 -18.43 -12.05 4.79
CG MSE B 439 -19.48 -11.46 5.73
SE MSE B 439 -18.84 -9.94 6.80
CE MSE B 439 -20.34 -9.79 7.95
N GLU B 440 -17.84 -14.76 6.25
CA GLU B 440 -18.23 -15.74 7.26
C GLU B 440 -17.21 -15.85 8.39
N ASP B 441 -15.93 -15.98 8.03
CA ASP B 441 -14.89 -16.06 9.03
C ASP B 441 -14.73 -14.76 9.79
N PHE B 442 -14.85 -13.63 9.10
CA PHE B 442 -14.71 -12.34 9.76
C PHE B 442 -15.73 -12.17 10.89
N VAL B 443 -16.98 -12.52 10.61
CA VAL B 443 -18.05 -12.43 11.61
C VAL B 443 -17.71 -13.27 12.84
N HIS B 444 -17.29 -14.51 12.63
CA HIS B 444 -16.84 -15.38 13.71
C HIS B 444 -15.70 -14.75 14.49
N ILE B 445 -14.70 -14.25 13.77
CA ILE B 445 -13.54 -13.61 14.40
C ILE B 445 -13.95 -12.43 15.29
N PHE B 446 -14.77 -11.54 14.75
CA PHE B 446 -15.26 -10.40 15.52
C PHE B 446 -16.05 -10.83 16.76
N ASP B 447 -17.08 -11.65 16.55
CA ASP B 447 -17.97 -12.05 17.65
C ASP B 447 -17.28 -12.90 18.72
N ASP B 448 -16.52 -13.91 18.28
CA ASP B 448 -15.85 -14.83 19.19
C ASP B 448 -14.77 -14.13 20.01
N GLY B 449 -14.11 -13.15 19.39
CA GLY B 449 -13.08 -12.37 20.07
C GLY B 449 -13.61 -11.54 21.21
N LEU B 450 -14.89 -11.15 21.13
CA LEU B 450 -15.51 -10.40 22.21
C LEU B 450 -15.96 -11.33 23.33
#